data_2PLJ
#
_entry.id   2PLJ
#
_cell.length_a   82.074
_cell.length_b   88.683
_cell.length_c   111.843
_cell.angle_alpha   90.00
_cell.angle_beta   90.00
_cell.angle_gamma   90.00
#
_symmetry.space_group_name_H-M   'P 21 21 21'
#
loop_
_entity.id
_entity.type
_entity.pdbx_description
1 polymer 'lysine/ornithine decarboxylase'
2 non-polymer 'MAGNESIUM ION'
3 non-polymer '(4-{[(4-AMINOBUTYL)AMINO]METHYL}-5-HYDROXY-6-METHYLPYRIDIN-3-YL)METHYL DIHYDROGEN PHOSPHATE'
4 water water
#
_entity_poly.entity_id   1
_entity_poly.type   'polypeptide(L)'
_entity_poly.pdbx_seq_one_letter_code
;MGSSHHHHHHSSGLVPRGSHMAHSQSIFDIHSLTSPVLSAEEIHLIEASVEQFGAPLLLLDCDVIRQQYRALKNALPNVT
LHYALKPLPHPVVVRTLLAEGASFDLATTGEVELVASEGVPADLTIHTHPIKRDADIRDALAYGCNVFVVDNLNELEKFK
AYRDDVELLVRLSFRNSEAFADLSKKFGCSPEQALVIIETAKEWNIRIKGLSFHVGSQTTNPNKYVEAIHTCRHVMEQVV
ERGLPALSTLDIGGGFPVNYTQQVMPIDQFCAPINEALSLLPETVHVLAEPGRFICAPAVTSVASVMGQAEREGQIWYYL
DDGIYGSFSGLMFDDARYPLTTIKQGGELIPSVLSGPTCDSVDVIAENILLPKLNNGDLVIGRTMGAYTSATATDFNFFK
RAQTIALNEFVASSERMIG
;
_entity_poly.pdbx_strand_id   A,B
#
loop_
_chem_comp.id
_chem_comp.type
_chem_comp.name
_chem_comp.formula
MG non-polymer 'MAGNESIUM ION' 'Mg 2'
P3T non-polymer '(4-{[(4-AMINOBUTYL)AMINO]METHYL}-5-HYDROXY-6-METHYLPYRIDIN-3-YL)METHYL DIHYDROGEN PHOSPHATE' 'C12 H22 N3 O5 P'
#
# COMPACT_ATOMS: atom_id res chain seq x y z
N HIS A 23 -11.85 9.92 5.44
CA HIS A 23 -12.40 8.64 4.92
C HIS A 23 -13.34 7.95 5.95
N SER A 24 -13.98 8.71 6.82
CA SER A 24 -14.81 8.11 7.86
C SER A 24 -15.91 9.01 8.37
N GLN A 25 -17.04 8.40 8.74
CA GLN A 25 -18.06 9.12 9.53
C GLN A 25 -18.78 8.19 10.48
N SER A 26 -19.49 8.79 11.44
CA SER A 26 -20.20 8.02 12.46
C SER A 26 -21.71 8.08 12.34
N ILE A 27 -22.38 6.97 12.63
CA ILE A 27 -23.84 6.96 12.81
C ILE A 27 -24.08 6.99 14.30
N PHE A 28 -24.54 8.14 14.78
CA PHE A 28 -24.85 8.31 16.20
C PHE A 28 -26.35 8.18 16.42
N ASP A 29 -27.11 8.24 15.34
CA ASP A 29 -28.56 8.18 15.41
C ASP A 29 -29.05 7.46 14.17
N ILE A 30 -29.20 6.14 14.29
CA ILE A 30 -29.75 5.31 13.20
C ILE A 30 -31.21 5.66 12.89
N HIS A 31 -31.87 6.34 13.83
CA HIS A 31 -33.32 6.69 13.78
C HIS A 31 -34.21 5.51 14.19
N PRO A 36 -20.24 -16.74 8.08
CA PRO A 36 -20.36 -17.48 6.82
C PRO A 36 -21.50 -16.94 5.95
N VAL A 37 -22.74 -17.07 6.42
CA VAL A 37 -23.92 -16.54 5.73
C VAL A 37 -24.48 -15.33 6.49
N LEU A 38 -24.83 -14.29 5.74
CA LEU A 38 -25.34 -13.06 6.34
C LEU A 38 -26.82 -13.21 6.74
N SER A 39 -27.18 -12.63 7.88
CA SER A 39 -28.57 -12.59 8.34
C SER A 39 -29.36 -11.55 7.54
N ALA A 40 -30.69 -11.65 7.58
CA ALA A 40 -31.57 -10.68 6.91
C ALA A 40 -31.35 -9.27 7.47
N GLU A 41 -31.12 -9.19 8.77
CA GLU A 41 -30.86 -7.90 9.41
C GLU A 41 -29.53 -7.31 8.92
N GLU A 42 -28.49 -8.15 8.86
CA GLU A 42 -27.16 -7.74 8.35
C GLU A 42 -27.23 -7.31 6.89
N ILE A 43 -27.88 -8.11 6.06
CA ILE A 43 -28.14 -7.72 4.68
C ILE A 43 -28.85 -6.36 4.60
N HIS A 44 -29.92 -6.18 5.38
CA HIS A 44 -30.62 -4.89 5.40
C HIS A 44 -29.71 -3.71 5.74
N LEU A 45 -28.90 -3.90 6.76
CA LEU A 45 -27.94 -2.88 7.21
C LEU A 45 -26.94 -2.60 6.10
N ILE A 46 -26.37 -3.65 5.53
CA ILE A 46 -25.42 -3.51 4.43
C ILE A 46 -26.03 -2.73 3.26
N GLU A 47 -27.19 -3.19 2.77
CA GLU A 47 -27.87 -2.51 1.68
C GLU A 47 -28.26 -1.05 1.97
N ALA A 48 -28.82 -0.81 3.16
CA ALA A 48 -29.11 0.57 3.61
C ALA A 48 -27.85 1.46 3.61
N SER A 49 -26.73 0.90 4.07
CA SER A 49 -25.47 1.65 4.13
C SER A 49 -24.96 2.04 2.74
N VAL A 50 -25.02 1.10 1.79
CA VAL A 50 -24.62 1.37 0.43
C VAL A 50 -25.58 2.41 -0.19
N GLU A 51 -26.87 2.26 0.10
CA GLU A 51 -27.89 3.21 -0.39
C GLU A 51 -27.61 4.63 0.14
N GLN A 52 -27.24 4.71 1.41
CA GLN A 52 -26.99 5.99 2.06
C GLN A 52 -25.63 6.61 1.68
N PHE A 53 -24.57 5.79 1.72
CA PHE A 53 -23.20 6.29 1.64
C PHE A 53 -22.47 5.93 0.36
N GLY A 54 -22.94 4.89 -0.33
CA GLY A 54 -22.29 4.44 -1.57
C GLY A 54 -21.07 3.59 -1.24
N ALA A 55 -20.68 2.77 -2.19
CA ALA A 55 -19.60 1.79 -2.02
C ALA A 55 -18.29 2.30 -2.62
N PRO A 56 -17.15 1.77 -2.17
CA PRO A 56 -17.00 0.74 -1.12
C PRO A 56 -17.01 1.33 0.30
N LEU A 57 -17.32 0.47 1.28
CA LEU A 57 -17.48 0.89 2.68
C LEU A 57 -16.76 -0.10 3.58
N LEU A 58 -16.40 0.37 4.77
CA LEU A 58 -15.96 -0.49 5.86
C LEU A 58 -16.92 -0.21 7.04
N LEU A 59 -17.65 -1.23 7.48
CA LEU A 59 -18.60 -1.07 8.58
C LEU A 59 -17.93 -1.46 9.89
N LEU A 60 -17.74 -0.48 10.75
CA LEU A 60 -17.07 -0.68 12.04
C LEU A 60 -18.11 -0.78 13.16
N ASP A 61 -18.10 -1.93 13.83
CA ASP A 61 -19.08 -2.17 14.89
C ASP A 61 -18.39 -2.05 16.25
N CYS A 62 -18.62 -0.94 16.97
CA CYS A 62 -17.98 -0.72 18.29
C CYS A 62 -18.34 -1.77 19.35
N ASP A 63 -19.48 -2.44 19.19
CA ASP A 63 -19.86 -3.53 20.10
C ASP A 63 -18.81 -4.64 20.03
N VAL A 64 -18.29 -4.87 18.83
CA VAL A 64 -17.31 -5.96 18.65
C VAL A 64 -15.95 -5.54 19.22
N ILE A 65 -15.61 -4.25 19.07
CA ILE A 65 -14.40 -3.70 19.73
C ILE A 65 -14.49 -4.01 21.26
N ARG A 66 -15.61 -3.66 21.86
CA ARG A 66 -15.79 -3.95 23.30
C ARG A 66 -15.76 -5.45 23.61
N GLN A 67 -16.50 -6.24 22.83
CA GLN A 67 -16.50 -7.72 23.02
C GLN A 67 -15.09 -8.30 23.03
N GLN A 68 -14.31 -7.91 22.03
CA GLN A 68 -12.95 -8.42 21.89
C GLN A 68 -12.06 -8.01 23.08
N TYR A 69 -12.13 -6.72 23.44
CA TYR A 69 -11.37 -6.23 24.60
C TYR A 69 -11.74 -7.03 25.86
N ARG A 70 -13.05 -7.17 26.09
CA ARG A 70 -13.54 -7.89 27.27
C ARG A 70 -13.11 -9.35 27.28
N ALA A 71 -13.14 -10.00 26.12
CA ALA A 71 -12.73 -11.40 25.99
C ALA A 71 -11.25 -11.56 26.32
N LEU A 72 -10.41 -10.65 25.83
CA LEU A 72 -8.98 -10.72 26.11
C LEU A 72 -8.67 -10.44 27.60
N LYS A 73 -9.32 -9.42 28.16
CA LYS A 73 -9.21 -9.10 29.60
C LYS A 73 -9.56 -10.34 30.43
N ASN A 74 -10.61 -11.04 30.04
CA ASN A 74 -10.99 -12.23 30.80
C ASN A 74 -10.02 -13.39 30.62
N ALA A 75 -9.40 -13.47 29.45
CA ALA A 75 -8.41 -14.50 29.11
C ALA A 75 -7.05 -14.25 29.78
N LEU A 76 -6.76 -12.98 30.07
CA LEU A 76 -5.45 -12.57 30.57
C LEU A 76 -5.65 -11.66 31.74
N PRO A 77 -6.07 -12.24 32.87
CA PRO A 77 -6.36 -11.43 34.02
C PRO A 77 -5.04 -10.88 34.56
N ASN A 78 -5.11 -9.72 35.18
CA ASN A 78 -3.94 -9.08 35.78
C ASN A 78 -2.87 -8.70 34.76
N VAL A 79 -3.30 -8.39 33.54
CA VAL A 79 -2.41 -7.84 32.52
C VAL A 79 -3.06 -6.55 31.98
N THR A 80 -2.31 -5.46 32.01
CA THR A 80 -2.80 -4.18 31.51
C THR A 80 -2.72 -4.24 29.98
N LEU A 81 -3.87 -4.05 29.33
CA LEU A 81 -3.93 -4.16 27.88
C LEU A 81 -3.78 -2.79 27.20
N HIS A 82 -2.68 -2.65 26.49
CA HIS A 82 -2.38 -1.45 25.72
C HIS A 82 -2.74 -1.69 24.26
N TYR A 83 -3.89 -1.16 23.83
CA TYR A 83 -4.27 -1.33 22.39
C TYR A 83 -3.23 -0.70 21.44
N ALA A 84 -2.70 -1.52 20.51
CA ALA A 84 -1.77 -1.02 19.50
C ALA A 84 -2.60 -0.33 18.40
N LEU A 85 -2.39 0.96 18.25
CA LEU A 85 -3.14 1.71 17.23
C LEU A 85 -2.83 1.21 15.83
N LYS A 86 -1.61 0.73 15.63
CA LYS A 86 -1.07 0.40 14.25
C LYS A 86 -2.09 -0.29 13.30
N PRO A 87 -2.71 -1.41 13.74
CA PRO A 87 -3.62 -2.09 12.80
C PRO A 87 -4.88 -1.34 12.38
N LEU A 88 -5.35 -0.43 13.23
CA LEU A 88 -6.60 0.33 12.98
C LEU A 88 -6.56 1.57 13.88
N PRO A 89 -5.85 2.63 13.42
CA PRO A 89 -5.66 3.84 14.24
C PRO A 89 -6.84 4.78 14.09
N HIS A 90 -8.01 4.33 14.56
CA HIS A 90 -9.26 5.02 14.26
C HIS A 90 -9.75 5.73 15.51
N PRO A 91 -10.06 7.04 15.40
CA PRO A 91 -10.43 7.80 16.60
C PRO A 91 -11.64 7.20 17.37
N VAL A 92 -12.60 6.65 16.64
CA VAL A 92 -13.76 6.01 17.31
C VAL A 92 -13.34 4.76 18.09
N VAL A 93 -12.40 3.99 17.53
CA VAL A 93 -11.85 2.83 18.24
C VAL A 93 -11.14 3.29 19.53
N VAL A 94 -10.32 4.34 19.41
CA VAL A 94 -9.62 4.91 20.56
C VAL A 94 -10.62 5.34 21.65
N ARG A 95 -11.62 6.14 21.26
CA ARG A 95 -12.64 6.60 22.23
C ARG A 95 -13.37 5.41 22.90
N THR A 96 -13.75 4.44 22.08
CA THR A 96 -14.52 3.27 22.57
C THR A 96 -13.71 2.51 23.64
N LEU A 97 -12.43 2.30 23.33
CA LEU A 97 -11.50 1.59 24.23
C LEU A 97 -11.15 2.40 25.47
N LEU A 98 -10.94 3.70 25.29
CA LEU A 98 -10.72 4.57 26.45
C LEU A 98 -11.89 4.43 27.46
N ALA A 99 -13.11 4.48 26.94
CA ALA A 99 -14.30 4.45 27.79
C ALA A 99 -14.39 3.09 28.49
N GLU A 100 -13.87 2.05 27.83
CA GLU A 100 -13.91 0.68 28.32
C GLU A 100 -12.84 0.42 29.42
N GLY A 101 -11.84 1.30 29.51
CA GLY A 101 -10.77 1.19 30.52
C GLY A 101 -9.42 0.76 29.94
N ALA A 102 -9.31 0.73 28.63
CA ALA A 102 -8.09 0.28 27.96
C ALA A 102 -6.95 1.28 28.13
N SER A 103 -5.72 0.79 27.97
CA SER A 103 -4.56 1.65 27.78
C SER A 103 -4.16 1.55 26.28
N PHE A 104 -3.05 2.20 25.90
CA PHE A 104 -2.69 2.35 24.45
C PHE A 104 -1.21 2.19 24.24
N ASP A 105 -0.90 1.67 23.07
CA ASP A 105 0.44 1.42 22.60
C ASP A 105 0.61 2.26 21.33
N LEU A 106 1.55 3.20 21.39
CA LEU A 106 1.84 4.20 20.35
C LEU A 106 3.19 3.90 19.69
N ALA A 107 3.30 4.19 18.40
CA ALA A 107 4.55 3.93 17.69
C ALA A 107 5.15 5.13 16.99
N THR A 108 4.35 6.19 16.81
CA THR A 108 4.75 7.38 16.06
C THR A 108 4.10 8.65 16.61
N THR A 109 4.69 9.77 16.23
CA THR A 109 4.11 11.07 16.54
C THR A 109 2.65 11.15 16.08
N GLY A 110 2.35 10.63 14.88
CA GLY A 110 0.95 10.64 14.39
C GLY A 110 -0.02 9.95 15.37
N GLU A 111 0.42 8.82 15.93
CA GLU A 111 -0.38 8.08 16.91
C GLU A 111 -0.47 8.84 18.24
N VAL A 112 0.63 9.48 18.65
CA VAL A 112 0.59 10.35 19.82
C VAL A 112 -0.49 11.43 19.60
N GLU A 113 -0.45 12.05 18.42
CA GLU A 113 -1.38 13.16 18.13
C GLU A 113 -2.85 12.69 18.13
N LEU A 114 -3.08 11.48 17.61
CA LEU A 114 -4.42 10.92 17.58
C LEU A 114 -4.94 10.73 19.01
N VAL A 115 -4.18 10.04 19.87
CA VAL A 115 -4.69 9.83 21.26
C VAL A 115 -4.83 11.15 22.01
N ALA A 116 -3.90 12.08 21.79
CA ALA A 116 -3.97 13.40 22.43
C ALA A 116 -5.29 14.10 22.04
N SER A 117 -5.65 14.03 20.75
CA SER A 117 -6.86 14.72 20.27
C SER A 117 -8.15 14.10 20.81
N GLU A 118 -8.09 12.83 21.21
CA GLU A 118 -9.27 12.13 21.78
C GLU A 118 -9.32 12.13 23.31
N GLY A 119 -8.43 12.92 23.91
CA GLY A 119 -8.42 13.10 25.35
C GLY A 119 -7.89 11.93 26.17
N VAL A 120 -7.08 11.10 25.55
CA VAL A 120 -6.43 10.00 26.27
C VAL A 120 -5.36 10.61 27.19
N PRO A 121 -5.43 10.32 28.50
CA PRO A 121 -4.40 10.77 29.43
C PRO A 121 -3.08 10.07 29.07
N ALA A 122 -1.98 10.82 29.07
CA ALA A 122 -0.68 10.27 28.67
C ALA A 122 -0.25 9.09 29.55
N ASP A 123 -0.71 9.07 30.80
CA ASP A 123 -0.32 7.98 31.72
C ASP A 123 -0.90 6.63 31.32
N LEU A 124 -1.83 6.63 30.36
CA LEU A 124 -2.38 5.38 29.82
C LEU A 124 -1.61 4.87 28.60
N THR A 125 -0.51 5.54 28.27
CA THR A 125 0.19 5.27 27.01
C THR A 125 1.62 4.82 27.23
N ILE A 126 2.07 4.02 26.28
CA ILE A 126 3.49 3.68 26.17
C ILE A 126 3.89 3.86 24.70
N HIS A 127 5.15 4.22 24.46
CA HIS A 127 5.64 4.38 23.08
C HIS A 127 6.58 3.21 22.81
N THR A 128 6.29 2.42 21.80
CA THR A 128 7.04 1.17 21.66
C THR A 128 7.86 1.05 20.40
N HIS A 129 8.07 2.16 19.70
CA HIS A 129 8.87 2.03 18.48
C HIS A 129 10.32 1.92 18.93
N PRO A 130 11.01 0.79 18.59
CA PRO A 130 12.39 0.68 19.09
C PRO A 130 13.41 1.63 18.49
N ILE A 131 13.09 2.26 17.35
CA ILE A 131 14.12 3.09 16.68
C ILE A 131 13.57 4.47 16.35
N LYS A 132 14.10 5.47 17.06
CA LYS A 132 13.43 6.75 17.08
C LYS A 132 14.40 7.87 16.77
N ARG A 133 13.92 8.86 16.01
CA ARG A 133 14.68 10.09 15.85
C ARG A 133 14.50 10.93 17.12
N ASP A 134 15.44 11.85 17.36
CA ASP A 134 15.33 12.71 18.53
C ASP A 134 13.92 13.34 18.58
N ALA A 135 13.44 13.89 17.46
CA ALA A 135 12.10 14.51 17.40
C ALA A 135 10.96 13.58 17.85
N ASP A 136 11.08 12.30 17.52
CA ASP A 136 10.04 11.31 17.88
C ASP A 136 9.97 11.22 19.40
N ILE A 137 11.13 11.25 20.03
CA ILE A 137 11.15 11.17 21.50
C ILE A 137 10.54 12.45 22.08
N ARG A 138 10.96 13.61 21.54
CA ARG A 138 10.51 14.90 22.04
C ARG A 138 8.99 15.09 21.90
N ASP A 139 8.44 14.72 20.73
CA ASP A 139 7.01 14.80 20.46
C ASP A 139 6.20 13.98 21.48
N ALA A 140 6.66 12.76 21.79
CA ALA A 140 5.97 11.90 22.72
C ALA A 140 6.06 12.49 24.12
N LEU A 141 7.25 12.95 24.50
CA LEU A 141 7.45 13.57 25.82
C LEU A 141 6.57 14.82 26.01
N ALA A 142 6.41 15.61 24.95
CA ALA A 142 5.59 16.82 25.01
C ALA A 142 4.12 16.51 25.34
N TYR A 143 3.60 15.42 24.77
CA TYR A 143 2.29 14.90 25.11
C TYR A 143 2.25 14.40 26.56
N GLY A 144 3.34 13.76 26.97
CA GLY A 144 3.51 13.30 28.36
C GLY A 144 3.82 11.80 28.46
N CYS A 145 3.86 11.14 27.31
CA CYS A 145 4.25 9.75 27.23
C CYS A 145 5.74 9.65 27.57
N ASN A 146 6.06 8.90 28.60
CA ASN A 146 7.44 8.83 29.11
C ASN A 146 8.02 7.42 29.19
N VAL A 147 7.31 6.43 28.61
CA VAL A 147 7.79 5.07 28.54
C VAL A 147 8.18 4.80 27.07
N PHE A 148 9.42 4.33 26.87
CA PHE A 148 9.94 4.09 25.51
C PHE A 148 10.64 2.73 25.51
N VAL A 149 10.90 2.23 24.31
CA VAL A 149 11.57 0.94 24.16
C VAL A 149 12.96 1.15 23.57
N VAL A 150 13.94 0.38 24.05
CA VAL A 150 15.24 0.29 23.39
C VAL A 150 15.61 -1.16 23.19
N ASP A 151 16.37 -1.44 22.14
CA ASP A 151 16.93 -2.79 21.96
C ASP A 151 18.42 -2.77 21.60
N ASN A 152 19.05 -1.61 21.74
CA ASN A 152 20.46 -1.51 21.45
C ASN A 152 21.09 -0.27 22.11
N LEU A 153 22.42 -0.27 22.19
CA LEU A 153 23.14 0.78 22.88
C LEU A 153 23.10 2.13 22.16
N ASN A 154 23.01 2.09 20.83
CA ASN A 154 22.90 3.30 20.01
C ASN A 154 21.60 4.03 20.38
N GLU A 155 20.52 3.27 20.49
CA GLU A 155 19.24 3.82 20.92
C GLU A 155 19.30 4.33 22.37
N LEU A 156 19.89 3.53 23.26
CA LEU A 156 20.00 3.93 24.66
C LEU A 156 20.65 5.32 24.79
N GLU A 157 21.70 5.56 24.00
CA GLU A 157 22.45 6.83 24.04
C GLU A 157 21.52 8.02 23.79
N LYS A 158 20.49 7.82 22.96
CA LYS A 158 19.52 8.86 22.61
C LYS A 158 18.78 9.40 23.83
N PHE A 159 18.78 8.62 24.92
CA PHE A 159 18.03 8.97 26.14
C PHE A 159 18.85 9.68 27.23
N LYS A 160 20.14 9.84 26.98
CA LYS A 160 20.97 10.58 27.96
C LYS A 160 20.40 11.97 28.21
N ALA A 161 20.01 12.64 27.12
CA ALA A 161 19.51 14.01 27.19
C ALA A 161 18.13 14.05 27.88
N TYR A 162 17.50 12.89 28.05
CA TYR A 162 16.15 12.78 28.61
C TYR A 162 16.09 11.94 29.89
N ARG A 163 17.25 11.75 30.53
CA ARG A 163 17.36 10.76 31.61
C ARG A 163 16.46 11.06 32.82
N ASP A 164 16.15 12.31 33.03
CA ASP A 164 15.25 12.70 34.11
C ASP A 164 13.79 12.44 33.85
N ASP A 165 13.46 12.14 32.59
CA ASP A 165 12.09 12.23 32.10
C ASP A 165 11.48 10.88 31.69
N VAL A 166 12.31 9.89 31.47
CA VAL A 166 11.87 8.64 30.84
C VAL A 166 12.10 7.40 31.71
N GLU A 167 11.33 6.34 31.41
CA GLU A 167 11.69 5.00 31.87
C GLU A 167 11.58 4.06 30.66
N LEU A 168 12.51 3.13 30.56
CA LEU A 168 12.64 2.34 29.31
C LEU A 168 12.29 0.86 29.50
N LEU A 169 11.66 0.30 28.47
CA LEU A 169 11.50 -1.15 28.35
C LEU A 169 12.59 -1.64 27.40
N VAL A 170 13.28 -2.71 27.79
CA VAL A 170 14.32 -3.28 26.93
C VAL A 170 13.71 -4.46 26.19
N ARG A 171 13.70 -4.38 24.85
CA ARG A 171 12.99 -5.36 24.05
C ARG A 171 13.97 -6.48 23.68
N LEU A 172 13.57 -7.71 24.00
CA LEU A 172 14.36 -8.91 23.66
C LEU A 172 13.76 -9.62 22.45
N SER A 173 14.62 -10.31 21.71
CA SER A 173 14.15 -11.31 20.74
C SER A 173 14.87 -12.64 21.00
N PHE A 174 14.25 -13.73 20.59
CA PHE A 174 14.74 -15.06 20.94
C PHE A 174 15.10 -15.89 19.71
N SER A 184 15.08 -12.47 9.92
CA SER A 184 13.69 -12.11 9.70
C SER A 184 13.11 -11.25 10.83
N LYS A 185 13.46 -11.53 12.09
CA LYS A 185 13.16 -10.56 13.16
C LYS A 185 14.01 -9.29 12.96
N LYS A 186 13.39 -8.16 13.22
CA LYS A 186 13.95 -6.86 12.90
C LYS A 186 14.34 -6.13 14.20
N PHE A 187 13.72 -6.54 15.30
CA PHE A 187 13.91 -5.84 16.58
C PHE A 187 14.16 -6.81 17.73
N GLY A 188 14.71 -6.29 18.81
CA GLY A 188 14.89 -7.06 20.03
C GLY A 188 16.32 -7.57 20.16
N CYS A 189 16.87 -7.46 21.37
CA CYS A 189 18.26 -7.90 21.60
C CYS A 189 18.30 -9.27 22.26
N SER A 190 19.50 -9.85 22.37
CA SER A 190 19.67 -11.11 23.07
C SER A 190 19.59 -10.86 24.58
N PRO A 191 19.31 -11.92 25.35
CA PRO A 191 19.41 -11.84 26.82
C PRO A 191 20.75 -11.26 27.33
N GLU A 192 21.87 -11.72 26.75
CA GLU A 192 23.19 -11.17 27.12
C GLU A 192 23.30 -9.66 26.82
N GLN A 193 22.83 -9.25 25.63
CA GLN A 193 22.82 -7.84 25.23
C GLN A 193 21.91 -7.03 26.15
N ALA A 194 20.80 -7.64 26.57
CA ALA A 194 19.84 -6.96 27.45
C ALA A 194 20.54 -6.58 28.78
N LEU A 195 21.31 -7.51 29.34
CA LEU A 195 22.05 -7.25 30.58
C LEU A 195 23.06 -6.11 30.39
N VAL A 196 23.73 -6.09 29.24
CA VAL A 196 24.69 -5.02 28.91
C VAL A 196 23.97 -3.67 28.82
N ILE A 197 22.81 -3.66 28.16
CA ILE A 197 22.01 -2.43 28.08
C ILE A 197 21.58 -1.95 29.48
N ILE A 198 21.18 -2.89 30.33
CA ILE A 198 20.65 -2.55 31.65
C ILE A 198 21.79 -2.02 32.56
N GLU A 199 22.94 -2.70 32.49
CA GLU A 199 24.12 -2.21 33.21
C GLU A 199 24.58 -0.82 32.73
N THR A 200 24.52 -0.59 31.42
CA THR A 200 24.90 0.71 30.83
C THR A 200 23.91 1.81 31.24
N ALA A 201 22.62 1.47 31.27
CA ALA A 201 21.59 2.42 31.71
C ALA A 201 21.87 2.87 33.15
N LYS A 202 22.31 1.94 34.00
CA LYS A 202 22.64 2.31 35.39
C LYS A 202 23.82 3.30 35.42
N GLU A 203 24.85 3.01 34.63
CA GLU A 203 26.02 3.89 34.52
C GLU A 203 25.60 5.28 34.07
N TRP A 204 24.66 5.33 33.13
CA TRP A 204 24.19 6.57 32.53
C TRP A 204 23.02 7.23 33.29
N ASN A 205 22.68 6.68 34.46
CA ASN A 205 21.51 7.13 35.25
C ASN A 205 20.21 7.22 34.45
N ILE A 206 19.94 6.17 33.66
CA ILE A 206 18.69 6.08 32.87
C ILE A 206 17.88 4.95 33.47
N ARG A 207 16.63 5.23 33.84
CA ARG A 207 15.75 4.26 34.49
C ARG A 207 15.29 3.19 33.51
N ILE A 208 15.39 1.94 33.94
CA ILE A 208 14.82 0.81 33.19
C ILE A 208 13.52 0.38 33.90
N LYS A 209 12.40 0.50 33.18
CA LYS A 209 11.08 0.07 33.64
C LYS A 209 10.99 -1.45 33.64
N GLY A 210 11.56 -2.10 32.63
CA GLY A 210 11.48 -3.55 32.57
C GLY A 210 11.84 -4.08 31.20
N LEU A 211 11.23 -5.21 30.84
CA LEU A 211 11.51 -5.93 29.59
C LEU A 211 10.27 -6.04 28.72
N SER A 212 10.48 -6.19 27.42
CA SER A 212 9.34 -6.42 26.51
C SER A 212 9.75 -7.39 25.43
N PHE A 213 8.76 -7.98 24.78
CA PHE A 213 9.04 -8.75 23.58
C PHE A 213 7.79 -8.75 22.72
N HIS A 214 7.93 -9.19 21.48
CA HIS A 214 6.75 -9.34 20.59
C HIS A 214 7.03 -10.57 19.75
N VAL A 215 6.26 -11.63 19.98
CA VAL A 215 6.54 -12.91 19.32
C VAL A 215 6.15 -12.95 17.84
N GLY A 216 5.43 -11.93 17.40
CA GLY A 216 4.98 -11.87 16.00
C GLY A 216 3.46 -11.86 15.85
N SER A 217 2.98 -11.30 14.74
CA SER A 217 1.53 -11.14 14.59
C SER A 217 0.86 -12.47 14.16
N GLN A 218 -0.41 -12.64 14.58
CA GLN A 218 -1.20 -13.87 14.30
C GLN A 218 -0.40 -15.11 14.71
N THR A 219 0.08 -15.09 15.94
CA THR A 219 0.82 -16.23 16.51
C THR A 219 -0.21 -17.25 16.95
N THR A 220 -0.10 -18.48 16.45
CA THR A 220 -1.12 -19.51 16.70
C THR A 220 -0.68 -20.49 17.79
N ASN A 221 0.62 -20.47 18.12
CA ASN A 221 1.21 -21.32 19.16
C ASN A 221 1.57 -20.49 20.39
N PRO A 222 0.81 -20.66 21.49
CA PRO A 222 1.11 -19.88 22.68
C PRO A 222 2.44 -20.22 23.36
N ASN A 223 3.04 -21.36 23.01
CA ASN A 223 4.36 -21.72 23.57
C ASN A 223 5.45 -20.67 23.28
N LYS A 224 5.30 -19.92 22.17
CA LYS A 224 6.19 -18.77 21.91
C LYS A 224 6.20 -17.78 23.08
N TYR A 225 5.01 -17.45 23.57
CA TYR A 225 4.89 -16.57 24.75
C TYR A 225 5.52 -17.17 25.99
N VAL A 226 5.20 -18.44 26.23
CA VAL A 226 5.72 -19.14 27.41
C VAL A 226 7.26 -19.10 27.45
N GLU A 227 7.91 -19.47 26.34
CA GLU A 227 9.37 -19.51 26.30
C GLU A 227 9.98 -18.13 26.52
N ALA A 228 9.36 -17.11 25.90
CA ALA A 228 9.77 -15.73 26.07
C ALA A 228 9.65 -15.28 27.52
N ILE A 229 8.54 -15.65 28.16
CA ILE A 229 8.29 -15.25 29.55
C ILE A 229 9.34 -15.86 30.50
N HIS A 230 9.62 -17.15 30.31
CA HIS A 230 10.67 -17.82 31.08
C HIS A 230 12.00 -17.10 30.89
N THR A 231 12.34 -16.77 29.64
CA THR A 231 13.63 -16.11 29.39
C THR A 231 13.73 -14.73 30.05
N CYS A 232 12.66 -13.94 29.91
CA CYS A 232 12.59 -12.66 30.58
C CYS A 232 12.70 -12.80 32.10
N ARG A 233 12.02 -13.80 32.66
CA ARG A 233 12.10 -14.06 34.11
C ARG A 233 13.53 -14.32 34.54
N HIS A 234 14.24 -15.14 33.76
CA HIS A 234 15.65 -15.43 34.07
C HIS A 234 16.51 -14.18 33.93
N VAL A 235 16.20 -13.32 32.95
CA VAL A 235 16.95 -12.08 32.80
C VAL A 235 16.72 -11.18 34.02
N MET A 236 15.47 -11.10 34.49
CA MET A 236 15.17 -10.30 35.68
C MET A 236 15.92 -10.79 36.89
N GLU A 237 16.04 -12.10 37.01
CA GLU A 237 16.84 -12.71 38.11
C GLU A 237 18.32 -12.33 38.02
N GLN A 238 18.87 -12.34 36.80
CA GLN A 238 20.27 -11.95 36.55
C GLN A 238 20.54 -10.50 36.90
N VAL A 239 19.59 -9.61 36.56
CA VAL A 239 19.69 -8.20 36.95
C VAL A 239 19.87 -8.04 38.48
N VAL A 240 18.99 -8.70 39.24
CA VAL A 240 19.04 -8.68 40.71
C VAL A 240 20.34 -9.28 41.25
N GLU A 241 20.76 -10.40 40.65
CA GLU A 241 21.99 -11.08 41.09
C GLU A 241 23.23 -10.24 40.83
N ARG A 242 23.18 -9.43 39.78
CA ARG A 242 24.25 -8.48 39.47
C ARG A 242 24.21 -7.23 40.34
N GLY A 243 23.26 -7.14 41.26
CA GLY A 243 23.12 -5.98 42.14
C GLY A 243 22.55 -4.73 41.47
N LEU A 244 21.90 -4.90 40.33
CA LEU A 244 21.29 -3.78 39.59
C LEU A 244 19.84 -3.57 40.08
N PRO A 245 19.27 -2.36 39.83
CA PRO A 245 17.88 -2.15 40.26
C PRO A 245 16.93 -3.22 39.69
N ALA A 246 16.07 -3.79 40.54
CA ALA A 246 15.12 -4.83 40.11
C ALA A 246 14.11 -4.27 39.11
N LEU A 247 13.76 -5.08 38.12
CA LEU A 247 12.83 -4.64 37.05
C LEU A 247 11.38 -4.76 37.48
N SER A 248 10.59 -3.73 37.17
CA SER A 248 9.21 -3.68 37.65
C SER A 248 8.17 -4.27 36.70
N THR A 249 8.52 -4.39 35.42
CA THR A 249 7.50 -4.60 34.37
C THR A 249 7.95 -5.62 33.33
N LEU A 250 7.00 -6.49 32.93
CA LEU A 250 7.14 -7.34 31.74
C LEU A 250 6.02 -6.99 30.79
N ASP A 251 6.39 -6.68 29.54
CA ASP A 251 5.40 -6.37 28.50
C ASP A 251 5.48 -7.51 27.48
N ILE A 252 4.41 -8.30 27.36
CA ILE A 252 4.42 -9.52 26.52
C ILE A 252 4.01 -9.30 25.05
N GLY A 253 3.91 -8.04 24.67
CA GLY A 253 3.61 -7.63 23.30
C GLY A 253 2.23 -8.03 22.78
N GLY A 254 2.15 -8.08 21.45
CA GLY A 254 0.89 -8.40 20.77
C GLY A 254 0.89 -9.80 20.21
N GLY A 255 0.07 -9.99 19.18
CA GLY A 255 0.14 -11.24 18.38
C GLY A 255 -0.94 -12.26 18.60
N PHE A 256 -1.88 -11.96 19.50
CA PHE A 256 -2.98 -12.87 19.80
C PHE A 256 -3.78 -13.02 18.52
N PRO A 257 -4.11 -14.27 18.17
CA PRO A 257 -4.70 -14.55 16.87
C PRO A 257 -6.23 -14.48 16.82
N VAL A 258 -6.75 -14.29 15.62
CA VAL A 258 -8.20 -14.32 15.38
C VAL A 258 -8.51 -15.24 14.21
N ASN A 259 -9.77 -15.62 14.10
CA ASN A 259 -10.21 -16.49 13.01
C ASN A 259 -10.31 -15.70 11.73
N TYR A 260 -9.63 -16.20 10.70
CA TYR A 260 -9.90 -15.73 9.32
C TYR A 260 -10.64 -16.85 8.60
N THR A 261 -9.95 -17.63 7.78
CA THR A 261 -10.63 -18.75 7.11
C THR A 261 -10.32 -20.09 7.79
N GLN A 262 -9.45 -20.07 8.79
CA GLN A 262 -9.09 -21.27 9.54
C GLN A 262 -9.31 -21.00 11.03
N GLN A 263 -9.86 -22.00 11.73
CA GLN A 263 -10.09 -21.91 13.17
C GLN A 263 -8.75 -21.76 13.91
N VAL A 264 -8.69 -20.76 14.81
CA VAL A 264 -7.55 -20.61 15.71
C VAL A 264 -7.98 -20.97 17.13
N MET A 265 -7.02 -21.19 18.02
CA MET A 265 -7.32 -21.54 19.39
C MET A 265 -8.14 -20.44 20.05
N PRO A 266 -9.27 -20.79 20.71
CA PRO A 266 -10.05 -19.84 21.50
C PRO A 266 -9.17 -19.08 22.50
N ILE A 267 -9.49 -17.80 22.73
CA ILE A 267 -8.56 -16.91 23.45
C ILE A 267 -8.26 -17.41 24.89
N ASP A 268 -9.26 -17.94 25.60
CA ASP A 268 -9.02 -18.48 26.98
C ASP A 268 -8.00 -19.59 26.99
N GLN A 269 -8.18 -20.54 26.07
CA GLN A 269 -7.29 -21.70 25.95
C GLN A 269 -5.90 -21.26 25.51
N PHE A 270 -5.86 -20.31 24.57
CA PHE A 270 -4.60 -19.71 24.11
C PHE A 270 -3.83 -19.12 25.26
N CYS A 271 -4.50 -18.37 26.13
CA CYS A 271 -3.81 -17.63 27.20
C CYS A 271 -3.50 -18.45 28.46
N ALA A 272 -4.17 -19.59 28.60
CA ALA A 272 -3.96 -20.49 29.75
C ALA A 272 -2.47 -20.73 30.07
N PRO A 273 -1.67 -21.24 29.09
CA PRO A 273 -0.23 -21.46 29.37
C PRO A 273 0.54 -20.17 29.60
N ILE A 274 0.07 -19.08 28.99
CA ILE A 274 0.65 -17.76 29.20
C ILE A 274 0.47 -17.37 30.69
N ASN A 275 -0.77 -17.42 31.17
CA ASN A 275 -1.07 -17.15 32.56
C ASN A 275 -0.22 -17.97 33.53
N GLU A 276 0.01 -19.24 33.19
CA GLU A 276 0.83 -20.12 34.02
C GLU A 276 2.27 -19.66 34.08
N ALA A 277 2.84 -19.30 32.93
CA ALA A 277 4.22 -18.80 32.87
C ALA A 277 4.37 -17.50 33.67
N LEU A 278 3.37 -16.63 33.57
CA LEU A 278 3.38 -15.35 34.25
C LEU A 278 3.36 -15.50 35.75
N SER A 279 2.66 -16.52 36.21
CA SER A 279 2.54 -16.83 37.64
C SER A 279 3.88 -17.11 38.31
N LEU A 280 4.90 -17.44 37.51
CA LEU A 280 6.23 -17.74 38.07
C LEU A 280 7.03 -16.47 38.36
N LEU A 281 6.56 -15.34 37.84
CA LEU A 281 7.22 -14.04 38.07
C LEU A 281 7.11 -13.63 39.53
N PRO A 282 8.08 -12.82 40.03
CA PRO A 282 7.95 -12.22 41.35
C PRO A 282 6.66 -11.42 41.43
N GLU A 283 6.10 -11.34 42.64
CA GLU A 283 4.84 -10.64 42.87
C GLU A 283 5.01 -9.14 42.62
N THR A 284 6.24 -8.66 42.70
CA THR A 284 6.58 -7.24 42.46
C THR A 284 6.69 -6.84 40.96
N VAL A 285 6.43 -7.79 40.06
CA VAL A 285 6.43 -7.49 38.60
C VAL A 285 4.98 -7.38 38.13
N HIS A 286 4.68 -6.32 37.42
CA HIS A 286 3.39 -6.30 36.77
C HIS A 286 3.54 -6.40 35.28
N VAL A 287 2.44 -6.79 34.66
CA VAL A 287 2.50 -7.30 33.31
C VAL A 287 1.61 -6.45 32.42
N LEU A 288 2.13 -6.15 31.22
CA LEU A 288 1.43 -5.39 30.15
C LEU A 288 1.32 -6.26 28.90
N ALA A 289 0.36 -5.97 28.02
CA ALA A 289 0.41 -6.54 26.67
C ALA A 289 0.01 -5.46 25.70
N GLU A 290 0.22 -5.74 24.42
CA GLU A 290 0.04 -4.74 23.34
C GLU A 290 -0.85 -5.31 22.22
N PRO A 291 -2.08 -5.75 22.57
CA PRO A 291 -2.89 -6.40 21.54
C PRO A 291 -3.32 -5.37 20.48
N GLY A 292 -3.26 -5.77 19.21
CA GLY A 292 -3.81 -4.95 18.11
C GLY A 292 -4.90 -5.72 17.41
N ARG A 293 -4.47 -6.65 16.54
CA ARG A 293 -5.36 -7.39 15.68
C ARG A 293 -6.53 -8.01 16.43
N PHE A 294 -6.25 -8.57 17.63
CA PHE A 294 -7.32 -9.31 18.31
C PHE A 294 -8.52 -8.40 18.62
N ILE A 295 -8.22 -7.14 18.93
CA ILE A 295 -9.28 -6.21 19.29
C ILE A 295 -10.06 -5.70 18.08
N CYS A 296 -9.35 -5.33 17.01
CA CYS A 296 -9.99 -4.65 15.87
C CYS A 296 -10.39 -5.55 14.72
N ALA A 297 -9.64 -6.63 14.50
CA ALA A 297 -9.88 -7.38 13.25
C ALA A 297 -11.35 -7.80 13.01
N PRO A 298 -12.00 -8.42 14.02
CA PRO A 298 -13.39 -8.93 13.81
C PRO A 298 -14.44 -7.84 13.73
N ALA A 299 -14.05 -6.61 14.05
CA ALA A 299 -15.01 -5.52 14.23
C ALA A 299 -15.40 -4.81 12.93
N VAL A 300 -14.77 -5.18 11.81
CA VAL A 300 -15.02 -4.46 10.57
C VAL A 300 -15.45 -5.44 9.48
N THR A 301 -16.48 -5.04 8.72
CA THR A 301 -16.96 -5.80 7.57
C THR A 301 -16.79 -4.92 6.34
N SER A 302 -16.18 -5.45 5.27
CA SER A 302 -15.98 -4.64 4.06
C SER A 302 -17.14 -4.88 3.11
N VAL A 303 -17.47 -3.84 2.34
CA VAL A 303 -18.53 -3.92 1.35
C VAL A 303 -17.98 -3.30 0.08
N ALA A 304 -17.92 -4.11 -0.99
CA ALA A 304 -17.54 -3.59 -2.31
C ALA A 304 -18.63 -3.91 -3.30
N SER A 305 -18.65 -3.18 -4.40
CA SER A 305 -19.65 -3.40 -5.45
C SER A 305 -18.99 -3.71 -6.78
N VAL A 306 -19.74 -4.40 -7.62
CA VAL A 306 -19.24 -4.82 -8.94
C VAL A 306 -19.40 -3.65 -9.93
N MET A 307 -18.27 -3.18 -10.48
CA MET A 307 -18.24 -2.11 -11.49
C MET A 307 -18.52 -2.61 -12.90
N GLY A 308 -18.05 -3.82 -13.19
CA GLY A 308 -18.26 -4.47 -14.48
C GLY A 308 -17.76 -5.90 -14.40
N GLN A 309 -17.77 -6.55 -15.55
CA GLN A 309 -17.52 -7.97 -15.61
C GLN A 309 -17.28 -8.46 -17.02
N ALA A 310 -16.50 -9.54 -17.13
CA ALA A 310 -16.24 -10.18 -18.44
C ALA A 310 -15.90 -11.64 -18.25
N GLU A 311 -16.27 -12.48 -19.23
CA GLU A 311 -15.86 -13.88 -19.22
C GLU A 311 -14.49 -13.98 -19.89
N ARG A 312 -13.52 -14.58 -19.20
CA ARG A 312 -12.14 -14.73 -19.67
C ARG A 312 -11.72 -16.20 -19.48
N GLU A 313 -11.50 -16.92 -20.59
CA GLU A 313 -11.07 -18.33 -20.52
C GLU A 313 -11.93 -19.19 -19.59
N GLY A 314 -13.25 -19.12 -19.75
CA GLY A 314 -14.20 -19.88 -18.93
C GLY A 314 -14.41 -19.45 -17.48
N GLN A 315 -13.87 -18.31 -17.08
CA GLN A 315 -14.20 -17.76 -15.76
C GLN A 315 -14.83 -16.39 -15.89
N ILE A 316 -15.77 -16.06 -14.99
CA ILE A 316 -16.36 -14.73 -14.96
C ILE A 316 -15.51 -13.86 -14.06
N TRP A 317 -14.91 -12.83 -14.65
CA TRP A 317 -14.19 -11.81 -13.86
C TRP A 317 -15.14 -10.70 -13.43
N TYR A 318 -15.21 -10.45 -12.12
CA TYR A 318 -15.87 -9.27 -11.57
C TYR A 318 -14.83 -8.23 -11.15
N TYR A 319 -15.04 -6.98 -11.55
CA TYR A 319 -14.10 -5.91 -11.26
C TYR A 319 -14.77 -5.05 -10.19
N LEU A 320 -14.22 -5.11 -8.98
CA LEU A 320 -14.82 -4.43 -7.83
C LEU A 320 -14.29 -3.02 -7.63
N ASP A 321 -14.97 -2.23 -6.80
CA ASP A 321 -14.53 -0.87 -6.45
C ASP A 321 -13.57 -0.82 -5.23
N ASP A 322 -13.09 -1.97 -4.80
CA ASP A 322 -12.07 -2.04 -3.73
C ASP A 322 -11.15 -3.22 -4.07
N GLY A 323 -9.90 -3.14 -3.63
CA GLY A 323 -8.97 -4.22 -3.94
C GLY A 323 -7.63 -4.06 -3.21
N ILE A 324 -6.58 -4.63 -3.81
CA ILE A 324 -5.28 -4.77 -3.11
C ILE A 324 -4.56 -3.48 -2.89
N TYR A 325 -4.97 -2.41 -3.59
CA TYR A 325 -4.41 -1.07 -3.33
C TYR A 325 -5.24 -0.29 -2.32
N GLY A 326 -6.30 -0.96 -1.85
CA GLY A 326 -7.26 -0.39 -0.91
C GLY A 326 -7.42 -1.25 0.33
N SER A 327 -8.66 -1.66 0.62
CA SER A 327 -8.93 -2.39 1.87
C SER A 327 -8.34 -3.77 1.89
N PHE A 328 -8.06 -4.31 0.69
CA PHE A 328 -7.45 -5.66 0.59
C PHE A 328 -5.94 -5.62 0.47
N SER A 329 -5.35 -4.46 0.79
CA SER A 329 -3.90 -4.30 0.78
C SER A 329 -3.21 -5.32 1.72
N GLY A 330 -3.93 -5.79 2.75
CA GLY A 330 -3.46 -6.88 3.65
C GLY A 330 -3.13 -8.19 2.93
N LEU A 331 -3.74 -8.41 1.75
CA LEU A 331 -3.37 -9.57 0.91
C LEU A 331 -1.90 -9.51 0.54
N MET A 332 -1.39 -8.29 0.36
CA MET A 332 -0.01 -8.03 0.00
C MET A 332 0.92 -7.87 1.22
N PHE A 333 0.54 -7.01 2.15
CA PHE A 333 1.45 -6.68 3.25
C PHE A 333 1.30 -7.59 4.47
N ASP A 334 0.14 -8.25 4.59
CA ASP A 334 -0.18 -9.04 5.82
C ASP A 334 -0.38 -10.52 5.50
N ASP A 335 -0.03 -10.92 4.27
CA ASP A 335 -0.12 -12.34 3.86
C ASP A 335 -1.52 -12.86 4.20
N ALA A 336 -2.52 -12.00 4.00
CA ALA A 336 -3.84 -12.28 4.53
C ALA A 336 -4.74 -13.08 3.60
N ARG A 337 -5.80 -13.64 4.18
CA ARG A 337 -6.89 -14.26 3.41
C ARG A 337 -8.16 -14.06 4.23
N TYR A 338 -9.15 -13.39 3.62
CA TYR A 338 -10.38 -13.06 4.34
C TYR A 338 -11.55 -13.89 3.83
N PRO A 339 -12.47 -14.27 4.73
CA PRO A 339 -13.72 -14.90 4.25
C PRO A 339 -14.46 -13.87 3.39
N LEU A 340 -14.97 -14.32 2.25
CA LEU A 340 -15.71 -13.47 1.31
C LEU A 340 -17.09 -14.09 1.05
N THR A 341 -18.10 -13.24 0.93
CA THR A 341 -19.42 -13.72 0.60
C THR A 341 -20.14 -12.70 -0.29
N THR A 342 -21.35 -13.04 -0.71
CA THR A 342 -22.16 -12.12 -1.50
C THR A 342 -23.53 -12.09 -0.86
N ILE A 343 -24.26 -11.00 -1.07
CA ILE A 343 -25.65 -10.94 -0.59
C ILE A 343 -26.46 -11.94 -1.42
N LYS A 344 -26.26 -11.90 -2.73
CA LYS A 344 -26.91 -12.87 -3.65
C LYS A 344 -26.50 -14.30 -3.30
N GLN A 345 -27.49 -15.15 -3.11
CA GLN A 345 -27.28 -16.55 -2.72
C GLN A 345 -28.22 -17.46 -3.50
N GLY A 346 -27.79 -18.70 -3.73
CA GLY A 346 -28.64 -19.69 -4.39
C GLY A 346 -28.51 -19.73 -5.91
N GLY A 347 -28.97 -20.82 -6.50
CA GLY A 347 -28.76 -21.02 -7.94
C GLY A 347 -27.35 -21.48 -8.26
N GLU A 348 -27.02 -21.44 -9.55
CA GLU A 348 -25.77 -21.97 -10.07
C GLU A 348 -24.54 -21.22 -9.53
N LEU A 349 -23.62 -21.96 -8.91
CA LEU A 349 -22.30 -21.42 -8.56
C LEU A 349 -21.35 -21.50 -9.76
N ILE A 350 -20.71 -20.38 -10.07
CA ILE A 350 -19.89 -20.22 -11.29
C ILE A 350 -18.44 -19.92 -10.90
N PRO A 351 -17.47 -20.59 -11.56
CA PRO A 351 -16.04 -20.24 -11.34
C PRO A 351 -15.80 -18.79 -11.70
N SER A 352 -15.26 -18.05 -10.75
CA SER A 352 -15.17 -16.59 -10.86
C SER A 352 -13.82 -16.08 -10.39
N VAL A 353 -13.54 -14.83 -10.75
CA VAL A 353 -12.37 -14.11 -10.28
C VAL A 353 -12.86 -12.77 -9.75
N LEU A 354 -12.37 -12.40 -8.58
CA LEU A 354 -12.65 -11.08 -8.00
C LEU A 354 -11.42 -10.22 -8.15
N SER A 355 -11.55 -9.18 -8.99
CA SER A 355 -10.48 -8.25 -9.30
C SER A 355 -10.73 -6.91 -8.58
N GLY A 356 -9.68 -6.18 -8.25
CA GLY A 356 -9.85 -4.83 -7.70
C GLY A 356 -10.08 -3.80 -8.82
N PRO A 357 -10.21 -2.53 -8.44
CA PRO A 357 -10.55 -1.48 -9.41
C PRO A 357 -9.38 -0.94 -10.24
N THR A 358 -8.13 -1.12 -9.78
CA THR A 358 -7.01 -0.51 -10.52
C THR A 358 -6.65 -1.20 -11.82
N CYS A 359 -5.87 -0.52 -12.64
CA CYS A 359 -5.50 -1.07 -13.97
C CYS A 359 -4.41 -2.15 -13.92
N ASP A 360 -4.01 -2.49 -12.72
CA ASP A 360 -2.92 -3.39 -12.49
C ASP A 360 -3.40 -4.84 -12.49
N SER A 361 -2.75 -5.67 -13.30
CA SER A 361 -3.07 -7.11 -13.29
C SER A 361 -2.82 -7.78 -11.91
N VAL A 362 -1.95 -7.19 -11.08
CA VAL A 362 -1.67 -7.70 -9.73
C VAL A 362 -2.88 -7.47 -8.81
N ASP A 363 -3.74 -6.52 -9.17
CA ASP A 363 -4.86 -6.17 -8.30
C ASP A 363 -6.00 -7.19 -8.46
N VAL A 364 -5.82 -8.32 -7.80
CA VAL A 364 -6.79 -9.42 -7.78
C VAL A 364 -6.97 -9.87 -6.33
N ILE A 365 -8.23 -9.96 -5.90
CA ILE A 365 -8.55 -10.33 -4.51
C ILE A 365 -8.76 -11.83 -4.32
N ALA A 366 -9.33 -12.49 -5.33
CA ALA A 366 -9.56 -13.94 -5.27
C ALA A 366 -9.37 -14.46 -6.69
N GLU A 367 -8.33 -15.27 -6.87
CA GLU A 367 -7.99 -15.82 -8.21
C GLU A 367 -8.98 -16.87 -8.68
N ASN A 368 -9.59 -17.59 -7.74
CA ASN A 368 -10.53 -18.63 -8.07
C ASN A 368 -11.52 -18.67 -6.91
N ILE A 369 -12.78 -18.38 -7.20
CA ILE A 369 -13.82 -18.40 -6.18
C ILE A 369 -15.16 -18.73 -6.83
N LEU A 370 -15.93 -19.64 -6.22
CA LEU A 370 -17.25 -19.97 -6.73
C LEU A 370 -18.29 -18.99 -6.23
N LEU A 371 -19.03 -18.41 -7.17
CA LEU A 371 -20.03 -17.40 -6.84
C LEU A 371 -21.25 -17.53 -7.72
N PRO A 372 -22.43 -17.16 -7.17
CA PRO A 372 -23.58 -17.04 -8.04
C PRO A 372 -23.33 -15.93 -9.07
N LYS A 373 -24.08 -15.96 -10.17
CA LYS A 373 -24.00 -14.90 -11.16
C LYS A 373 -24.39 -13.55 -10.53
N LEU A 374 -23.49 -12.58 -10.65
CA LEU A 374 -23.72 -11.23 -10.13
C LEU A 374 -23.96 -10.23 -11.27
N ASN A 375 -24.82 -9.26 -11.01
CA ASN A 375 -25.00 -8.10 -11.88
C ASN A 375 -24.08 -6.95 -11.45
N ASN A 376 -23.80 -6.04 -12.37
CA ASN A 376 -23.10 -4.81 -11.96
C ASN A 376 -23.90 -4.15 -10.86
N GLY A 377 -23.17 -3.62 -9.89
CA GLY A 377 -23.74 -3.04 -8.67
C GLY A 377 -23.98 -4.01 -7.53
N ASP A 378 -23.94 -5.33 -7.80
CA ASP A 378 -24.08 -6.31 -6.70
C ASP A 378 -22.91 -6.25 -5.71
N LEU A 379 -23.16 -6.70 -4.49
CA LEU A 379 -22.19 -6.53 -3.37
C LEU A 379 -21.39 -7.78 -3.00
N VAL A 380 -20.12 -7.53 -2.66
CA VAL A 380 -19.19 -8.53 -2.20
C VAL A 380 -18.74 -8.08 -0.81
N ILE A 381 -18.84 -9.00 0.15
CA ILE A 381 -18.66 -8.67 1.57
C ILE A 381 -17.43 -9.41 2.07
N GLY A 382 -16.58 -8.73 2.80
CA GLY A 382 -15.40 -9.35 3.43
C GLY A 382 -15.52 -9.31 4.95
N ARG A 383 -15.17 -10.41 5.61
CA ARG A 383 -15.23 -10.45 7.08
C ARG A 383 -13.84 -10.37 7.69
N THR A 384 -13.80 -10.02 8.98
CA THR A 384 -12.54 -9.92 9.72
C THR A 384 -11.62 -8.89 9.00
N MET A 385 -12.25 -7.80 8.58
CA MET A 385 -11.56 -6.76 7.79
C MET A 385 -11.04 -5.55 8.59
N GLY A 386 -10.84 -5.75 9.90
CA GLY A 386 -10.54 -4.60 10.77
C GLY A 386 -9.06 -4.24 10.88
N ALA A 387 -8.18 -5.24 10.77
CA ALA A 387 -6.79 -5.05 11.15
C ALA A 387 -5.88 -5.13 9.92
N TYR A 388 -4.98 -4.13 9.76
CA TYR A 388 -3.99 -4.12 8.63
C TYR A 388 -4.73 -4.25 7.29
N THR A 389 -5.77 -3.43 7.15
CA THR A 389 -6.57 -3.37 5.91
C THR A 389 -6.55 -1.91 5.40
N SER A 390 -7.51 -1.09 5.86
CA SER A 390 -7.55 0.32 5.56
C SER A 390 -6.27 1.03 6.05
N ALA A 391 -5.67 0.49 7.12
CA ALA A 391 -4.45 1.09 7.66
C ALA A 391 -3.33 1.11 6.60
N THR A 392 -3.35 0.14 5.68
CA THR A 392 -2.29 0.00 4.69
C THR A 392 -2.78 0.31 3.26
N ALA A 393 -3.94 0.97 3.16
CA ALA A 393 -4.47 1.39 1.86
C ALA A 393 -3.58 2.46 1.20
N THR A 394 -3.70 2.56 -0.14
CA THR A 394 -2.95 3.52 -0.94
C THR A 394 -3.95 4.46 -1.67
N ASP A 395 -3.42 5.40 -2.41
CA ASP A 395 -4.23 6.21 -3.33
C ASP A 395 -3.91 5.94 -4.81
N PHE A 396 -3.46 4.72 -5.10
CA PHE A 396 -3.00 4.40 -6.44
C PHE A 396 -4.14 4.58 -7.43
N ASN A 397 -3.81 5.15 -8.59
CA ASN A 397 -4.79 5.49 -9.64
C ASN A 397 -5.75 6.60 -9.19
N PHE A 398 -5.57 7.14 -7.98
CA PHE A 398 -6.56 8.04 -7.37
C PHE A 398 -7.97 7.41 -7.18
N PHE A 399 -8.07 6.08 -7.14
CA PHE A 399 -9.37 5.52 -6.76
C PHE A 399 -9.69 5.92 -5.32
N LYS A 400 -10.95 6.27 -5.06
CA LYS A 400 -11.39 6.68 -3.71
C LYS A 400 -11.25 5.51 -2.74
N ARG A 401 -10.77 5.79 -1.53
CA ARG A 401 -10.63 4.77 -0.52
C ARG A 401 -12.05 4.45 -0.01
N ALA A 402 -12.25 3.21 0.42
CA ALA A 402 -13.47 2.87 1.14
C ALA A 402 -13.68 3.83 2.33
N GLN A 403 -14.93 4.25 2.52
CA GLN A 403 -15.31 5.07 3.66
C GLN A 403 -15.65 4.16 4.83
N THR A 404 -15.10 4.46 5.99
CA THR A 404 -15.47 3.73 7.20
C THR A 404 -16.72 4.34 7.85
N ILE A 405 -17.68 3.49 8.18
CA ILE A 405 -18.90 3.93 8.86
C ILE A 405 -18.88 3.35 10.28
N ALA A 406 -18.82 4.22 11.30
CA ALA A 406 -18.68 3.75 12.69
C ALA A 406 -20.06 3.65 13.31
N LEU A 407 -20.34 2.46 13.84
CA LEU A 407 -21.63 2.12 14.45
C LEU A 407 -21.52 1.76 15.93
N ASN A 408 -22.57 2.10 16.68
CA ASN A 408 -22.71 1.58 18.06
C ASN A 408 -21.67 2.07 19.04
N GLU A 409 -21.07 3.25 18.77
CA GLU A 409 -20.11 3.81 19.74
C GLU A 409 -20.73 3.95 21.12
N PHE A 410 -21.92 4.54 21.16
CA PHE A 410 -22.57 4.76 22.44
C PHE A 410 -23.70 3.77 22.66
N VAL A 411 -23.66 3.16 23.85
CA VAL A 411 -24.48 2.02 24.35
C VAL A 411 -23.95 0.66 23.94
N VAL B 37 27.22 5.36 -9.23
CA VAL B 37 27.96 6.61 -8.89
C VAL B 37 27.03 7.85 -8.83
N LEU B 38 27.41 8.80 -7.99
CA LEU B 38 26.79 10.12 -7.95
C LEU B 38 27.89 11.13 -8.24
N SER B 39 27.60 12.12 -9.08
CA SER B 39 28.55 13.20 -9.35
C SER B 39 28.70 14.09 -8.12
N ALA B 40 29.77 14.88 -8.07
CA ALA B 40 30.00 15.84 -7.00
C ALA B 40 28.85 16.84 -6.89
N GLU B 41 28.29 17.24 -8.02
CA GLU B 41 27.15 18.15 -8.01
C GLU B 41 25.84 17.49 -7.56
N GLU B 42 25.68 16.20 -7.89
CA GLU B 42 24.52 15.44 -7.39
C GLU B 42 24.57 15.35 -5.87
N ILE B 43 25.74 15.00 -5.34
CA ILE B 43 25.95 14.96 -3.89
C ILE B 43 25.62 16.32 -3.25
N HIS B 44 26.14 17.39 -3.82
CA HIS B 44 25.87 18.72 -3.27
C HIS B 44 24.38 19.04 -3.26
N LEU B 45 23.71 18.73 -4.36
CA LEU B 45 22.29 18.99 -4.49
C LEU B 45 21.46 18.18 -3.47
N ILE B 46 21.78 16.88 -3.34
CA ILE B 46 21.10 16.01 -2.38
C ILE B 46 21.27 16.57 -0.95
N GLU B 47 22.50 16.88 -0.55
CA GLU B 47 22.76 17.37 0.79
C GLU B 47 22.08 18.71 1.06
N ALA B 48 22.11 19.60 0.07
CA ALA B 48 21.45 20.90 0.20
C ALA B 48 19.94 20.71 0.40
N SER B 49 19.35 19.78 -0.37
CA SER B 49 17.92 19.52 -0.28
C SER B 49 17.53 19.00 1.11
N VAL B 50 18.33 18.09 1.63
CA VAL B 50 18.09 17.58 2.97
C VAL B 50 18.27 18.70 4.02
N GLU B 51 19.29 19.54 3.83
CA GLU B 51 19.55 20.67 4.74
C GLU B 51 18.29 21.54 4.84
N GLN B 52 17.67 21.79 3.69
CA GLN B 52 16.52 22.69 3.63
C GLN B 52 15.18 22.04 4.02
N PHE B 53 14.92 20.85 3.48
CA PHE B 53 13.60 20.22 3.57
C PHE B 53 13.53 19.02 4.53
N GLY B 54 14.70 18.54 4.96
CA GLY B 54 14.78 17.33 5.80
C GLY B 54 14.69 16.06 4.98
N ALA B 55 14.20 14.99 5.59
CA ALA B 55 14.16 13.68 4.93
C ALA B 55 12.95 12.90 5.48
N PRO B 56 12.41 11.94 4.70
CA PRO B 56 12.83 11.53 3.36
C PRO B 56 12.28 12.45 2.25
N LEU B 57 12.96 12.45 1.10
CA LEU B 57 12.62 13.29 -0.05
C LEU B 57 12.61 12.46 -1.31
N LEU B 58 11.84 12.96 -2.28
CA LEU B 58 11.90 12.47 -3.64
C LEU B 58 12.27 13.69 -4.50
N LEU B 59 13.45 13.63 -5.13
CA LEU B 59 13.90 14.74 -5.96
C LEU B 59 13.47 14.49 -7.39
N LEU B 60 12.58 15.36 -7.87
CA LEU B 60 12.01 15.21 -9.21
C LEU B 60 12.70 16.22 -10.15
N ASP B 61 13.46 15.68 -11.12
CA ASP B 61 14.17 16.51 -12.09
C ASP B 61 13.32 16.67 -13.35
N CYS B 62 12.66 17.84 -13.46
CA CYS B 62 11.86 18.12 -14.66
C CYS B 62 12.61 18.03 -15.99
N ASP B 63 13.93 18.28 -16.00
CA ASP B 63 14.75 18.14 -17.21
C ASP B 63 14.75 16.70 -17.72
N VAL B 64 14.77 15.74 -16.79
CA VAL B 64 14.73 14.32 -17.14
C VAL B 64 13.37 13.92 -17.71
N ILE B 65 12.28 14.46 -17.14
CA ILE B 65 10.95 14.34 -17.73
C ILE B 65 10.98 14.78 -19.20
N ARG B 66 11.52 15.99 -19.44
CA ARG B 66 11.65 16.52 -20.81
C ARG B 66 12.50 15.59 -21.68
N GLN B 67 13.63 15.17 -21.12
CA GLN B 67 14.59 14.34 -21.87
C GLN B 67 13.95 13.03 -22.31
N GLN B 68 13.29 12.35 -21.36
CA GLN B 68 12.63 11.06 -21.63
C GLN B 68 11.53 11.21 -22.69
N TYR B 69 10.73 12.26 -22.55
CA TYR B 69 9.67 12.50 -23.52
C TYR B 69 10.24 12.70 -24.93
N ARG B 70 11.24 13.57 -25.04
CA ARG B 70 11.90 13.85 -26.31
C ARG B 70 12.56 12.59 -26.89
N ALA B 71 13.18 11.78 -26.03
CA ALA B 71 13.85 10.57 -26.50
C ALA B 71 12.84 9.56 -27.05
N LEU B 72 11.69 9.41 -26.39
CA LEU B 72 10.66 8.48 -26.87
C LEU B 72 10.02 9.00 -28.17
N LYS B 73 9.76 10.30 -28.23
CA LYS B 73 9.23 10.92 -29.46
C LYS B 73 10.12 10.67 -30.66
N ASN B 74 11.43 10.82 -30.46
CA ASN B 74 12.38 10.57 -31.53
C ASN B 74 12.44 9.10 -31.93
N ALA B 75 12.32 8.23 -30.93
CA ALA B 75 12.42 6.77 -31.15
C ALA B 75 11.19 6.20 -31.87
N LEU B 76 10.04 6.86 -31.68
CA LEU B 76 8.74 6.47 -32.22
C LEU B 76 8.12 7.61 -33.03
N PRO B 77 8.70 7.89 -34.19
CA PRO B 77 8.23 9.00 -35.04
C PRO B 77 6.75 8.82 -35.42
N ASN B 78 6.01 9.92 -35.52
CA ASN B 78 4.59 9.89 -35.91
C ASN B 78 3.61 9.19 -34.94
N VAL B 79 4.09 8.86 -33.75
CA VAL B 79 3.21 8.28 -32.75
C VAL B 79 2.90 9.36 -31.71
N THR B 80 1.62 9.59 -31.47
CA THR B 80 1.21 10.54 -30.44
C THR B 80 1.34 9.91 -29.06
N LEU B 81 2.11 10.57 -28.20
CA LEU B 81 2.42 10.01 -26.87
C LEU B 81 1.48 10.57 -25.80
N HIS B 82 0.67 9.68 -25.24
CA HIS B 82 -0.24 10.00 -24.13
C HIS B 82 0.37 9.55 -22.80
N TYR B 83 0.90 10.51 -22.02
CA TYR B 83 1.53 10.14 -20.77
C TYR B 83 0.49 9.52 -19.82
N ALA B 84 0.76 8.29 -19.36
CA ALA B 84 -0.09 7.67 -18.34
C ALA B 84 0.23 8.31 -16.99
N LEU B 85 -0.77 8.96 -16.40
CA LEU B 85 -0.58 9.58 -15.06
C LEU B 85 -0.28 8.57 -13.96
N LYS B 86 -0.85 7.37 -14.07
CA LYS B 86 -0.80 6.32 -13.01
C LYS B 86 0.53 6.19 -12.26
N PRO B 87 1.66 6.00 -12.99
CA PRO B 87 2.92 5.79 -12.29
C PRO B 87 3.41 6.96 -11.46
N LEU B 88 3.03 8.18 -11.86
CA LEU B 88 3.47 9.41 -11.15
C LEU B 88 2.54 10.56 -11.52
N PRO B 89 1.39 10.65 -10.81
CA PRO B 89 0.37 11.66 -11.15
C PRO B 89 0.68 12.99 -10.48
N HIS B 90 1.84 13.56 -10.78
CA HIS B 90 2.30 14.78 -10.08
C HIS B 90 2.01 16.00 -10.94
N PRO B 91 1.42 17.05 -10.34
CA PRO B 91 1.09 18.26 -11.11
C PRO B 91 2.25 18.82 -11.94
N VAL B 92 3.46 18.81 -11.38
CA VAL B 92 4.61 19.41 -12.09
C VAL B 92 4.99 18.56 -13.32
N VAL B 93 4.83 17.23 -13.21
CA VAL B 93 5.08 16.37 -14.37
C VAL B 93 4.06 16.70 -15.49
N VAL B 94 2.81 16.89 -15.09
CA VAL B 94 1.74 17.22 -16.06
C VAL B 94 2.04 18.55 -16.78
N ARG B 95 2.42 19.55 -16.00
CA ARG B 95 2.73 20.87 -16.56
C ARG B 95 3.92 20.84 -17.50
N THR B 96 4.98 20.14 -17.06
CA THR B 96 6.21 19.98 -17.84
C THR B 96 5.89 19.32 -19.20
N LEU B 97 5.13 18.24 -19.16
CA LEU B 97 4.76 17.50 -20.37
C LEU B 97 3.80 18.27 -21.27
N LEU B 98 2.81 18.94 -20.67
CA LEU B 98 1.93 19.82 -21.43
C LEU B 98 2.75 20.79 -22.26
N ALA B 99 3.75 21.42 -21.63
CA ALA B 99 4.58 22.43 -22.31
C ALA B 99 5.41 21.81 -23.46
N GLU B 100 5.72 20.52 -23.32
CA GLU B 100 6.50 19.75 -24.27
C GLU B 100 5.68 19.36 -25.52
N GLY B 101 4.36 19.47 -25.42
CA GLY B 101 3.45 19.05 -26.48
C GLY B 101 2.82 17.68 -26.30
N ALA B 102 3.00 17.09 -25.11
CA ALA B 102 2.49 15.75 -24.79
C ALA B 102 0.97 15.70 -24.72
N SER B 103 0.44 14.49 -24.93
CA SER B 103 -0.96 14.18 -24.64
C SER B 103 -1.02 13.36 -23.35
N PHE B 104 -2.20 12.96 -22.93
CA PHE B 104 -2.35 12.31 -21.62
C PHE B 104 -3.29 11.12 -21.63
N ASP B 105 -2.96 10.14 -20.81
CA ASP B 105 -3.72 8.94 -20.69
C ASP B 105 -4.31 8.90 -19.26
N LEU B 106 -5.64 8.98 -19.17
CA LEU B 106 -6.37 9.07 -17.88
C LEU B 106 -7.05 7.73 -17.52
N ALA B 107 -7.10 7.41 -16.24
CA ALA B 107 -7.73 6.15 -15.84
C ALA B 107 -8.90 6.34 -14.90
N THR B 108 -8.97 7.52 -14.26
CA THR B 108 -9.95 7.75 -13.20
C THR B 108 -10.39 9.20 -13.15
N THR B 109 -11.52 9.43 -12.48
CA THR B 109 -12.00 10.80 -12.21
C THR B 109 -10.93 11.64 -11.51
N GLY B 110 -10.17 11.04 -10.58
CA GLY B 110 -9.11 11.78 -9.91
C GLY B 110 -8.06 12.30 -10.89
N GLU B 111 -7.72 11.46 -11.87
CA GLU B 111 -6.77 11.83 -12.92
C GLU B 111 -7.34 12.88 -13.87
N VAL B 112 -8.63 12.75 -14.17
CA VAL B 112 -9.33 13.80 -14.93
C VAL B 112 -9.24 15.16 -14.22
N GLU B 113 -9.47 15.15 -12.91
CA GLU B 113 -9.44 16.37 -12.10
C GLU B 113 -8.04 16.97 -12.07
N LEU B 114 -7.02 16.10 -12.06
CA LEU B 114 -5.64 16.56 -12.07
C LEU B 114 -5.29 17.31 -13.35
N VAL B 115 -5.55 16.71 -14.52
CA VAL B 115 -5.19 17.40 -15.78
C VAL B 115 -6.05 18.66 -15.98
N ALA B 116 -7.31 18.57 -15.57
CA ALA B 116 -8.20 19.73 -15.62
C ALA B 116 -7.63 20.88 -14.81
N SER B 117 -7.20 20.59 -13.57
CA SER B 117 -6.68 21.63 -12.67
C SER B 117 -5.39 22.24 -13.21
N GLU B 118 -4.65 21.50 -14.04
CA GLU B 118 -3.44 22.00 -14.66
C GLU B 118 -3.68 22.62 -16.06
N GLY B 119 -4.95 22.78 -16.42
CA GLY B 119 -5.33 23.41 -17.70
C GLY B 119 -5.05 22.63 -18.98
N VAL B 120 -5.03 21.31 -18.88
CA VAL B 120 -4.80 20.48 -20.06
C VAL B 120 -6.09 20.46 -20.85
N PRO B 121 -6.04 20.83 -22.14
CA PRO B 121 -7.27 20.77 -22.98
C PRO B 121 -7.73 19.32 -23.12
N ALA B 122 -9.04 19.08 -23.01
CA ALA B 122 -9.56 17.71 -23.04
C ALA B 122 -9.22 16.95 -24.32
N ASP B 123 -9.01 17.68 -25.43
CA ASP B 123 -8.72 17.01 -26.71
C ASP B 123 -7.34 16.36 -26.73
N LEU B 124 -6.51 16.64 -25.73
CA LEU B 124 -5.20 15.99 -25.59
C LEU B 124 -5.28 14.70 -24.73
N THR B 125 -6.48 14.32 -24.34
CA THR B 125 -6.64 13.20 -23.42
C THR B 125 -7.42 12.03 -24.01
N ILE B 126 -7.15 10.85 -23.46
CA ILE B 126 -7.97 9.66 -23.69
C ILE B 126 -8.20 9.03 -22.30
N HIS B 127 -9.30 8.33 -22.13
CA HIS B 127 -9.60 7.64 -20.87
C HIS B 127 -9.50 6.16 -21.17
N THR B 128 -8.67 5.44 -20.42
CA THR B 128 -8.34 4.09 -20.84
C THR B 128 -8.70 3.01 -19.84
N HIS B 129 -9.45 3.38 -18.79
CA HIS B 129 -9.85 2.32 -17.88
C HIS B 129 -10.90 1.44 -18.55
N PRO B 130 -10.63 0.12 -18.69
CA PRO B 130 -11.63 -0.68 -19.41
C PRO B 130 -12.96 -0.88 -18.66
N ILE B 131 -12.98 -0.66 -17.35
CA ILE B 131 -14.16 -1.01 -16.55
C ILE B 131 -14.62 0.17 -15.70
N LYS B 132 -15.77 0.74 -16.09
CA LYS B 132 -16.16 2.05 -15.58
C LYS B 132 -17.59 2.04 -15.07
N ARG B 133 -17.80 2.71 -13.94
CA ARG B 133 -19.16 3.03 -13.50
C ARG B 133 -19.71 4.17 -14.38
N ASP B 134 -21.04 4.28 -14.41
CA ASP B 134 -21.69 5.33 -15.17
C ASP B 134 -21.13 6.70 -14.78
N ALA B 135 -20.93 6.91 -13.48
CA ALA B 135 -20.36 8.15 -12.97
C ALA B 135 -18.96 8.44 -13.54
N ASP B 136 -18.11 7.41 -13.63
CA ASP B 136 -16.76 7.52 -14.23
C ASP B 136 -16.84 8.06 -15.67
N ILE B 137 -17.77 7.50 -16.45
CA ILE B 137 -17.98 7.98 -17.81
C ILE B 137 -18.42 9.45 -17.81
N ARG B 138 -19.43 9.76 -16.99
CA ARG B 138 -20.01 11.12 -16.93
C ARG B 138 -18.97 12.16 -16.51
N ASP B 139 -18.14 11.82 -15.51
CA ASP B 139 -17.09 12.72 -14.99
C ASP B 139 -16.10 13.08 -16.11
N ALA B 140 -15.70 12.08 -16.90
CA ALA B 140 -14.73 12.27 -17.98
C ALA B 140 -15.38 13.14 -19.05
N LEU B 141 -16.62 12.83 -19.40
CA LEU B 141 -17.37 13.61 -20.41
C LEU B 141 -17.52 15.07 -20.00
N ALA B 142 -17.75 15.30 -18.71
CA ALA B 142 -17.96 16.65 -18.17
C ALA B 142 -16.72 17.51 -18.44
N TYR B 143 -15.55 16.91 -18.19
CA TYR B 143 -14.27 17.51 -18.51
C TYR B 143 -14.10 17.72 -20.03
N GLY B 144 -14.62 16.76 -20.81
CA GLY B 144 -14.59 16.83 -22.26
C GLY B 144 -13.83 15.68 -22.92
N CYS B 145 -13.28 14.78 -22.10
CA CYS B 145 -12.65 13.56 -22.61
C CYS B 145 -13.73 12.66 -23.20
N ASN B 146 -13.61 12.34 -24.50
CA ASN B 146 -14.65 11.59 -25.19
C ASN B 146 -14.16 10.27 -25.81
N VAL B 147 -12.92 9.88 -25.49
CA VAL B 147 -12.33 8.62 -25.99
C VAL B 147 -12.27 7.67 -24.80
N PHE B 148 -12.85 6.48 -24.96
CA PHE B 148 -12.88 5.51 -23.87
C PHE B 148 -12.50 4.13 -24.39
N VAL B 149 -12.13 3.23 -23.48
CA VAL B 149 -11.79 1.86 -23.85
C VAL B 149 -12.90 0.90 -23.44
N VAL B 150 -13.14 -0.11 -24.27
CA VAL B 150 -13.98 -1.26 -23.92
C VAL B 150 -13.29 -2.56 -24.31
N ASP B 151 -13.52 -3.61 -23.54
CA ASP B 151 -12.97 -4.93 -23.91
C ASP B 151 -14.01 -6.06 -23.83
N ASN B 152 -15.29 -5.68 -23.65
CA ASN B 152 -16.36 -6.65 -23.51
C ASN B 152 -17.71 -6.02 -23.78
N LEU B 153 -18.72 -6.86 -24.04
CA LEU B 153 -20.06 -6.37 -24.42
C LEU B 153 -20.84 -5.72 -23.26
N ASN B 154 -20.56 -6.16 -22.05
CA ASN B 154 -21.19 -5.57 -20.87
C ASN B 154 -20.80 -4.09 -20.78
N GLU B 155 -19.53 -3.81 -21.03
CA GLU B 155 -19.02 -2.43 -21.03
C GLU B 155 -19.56 -1.63 -22.23
N LEU B 156 -19.54 -2.24 -23.40
CA LEU B 156 -20.02 -1.56 -24.60
C LEU B 156 -21.41 -1.03 -24.34
N GLU B 157 -22.23 -1.82 -23.65
CA GLU B 157 -23.63 -1.44 -23.45
C GLU B 157 -23.80 -0.16 -22.62
N LYS B 158 -22.84 0.08 -21.73
CA LYS B 158 -22.83 1.30 -20.92
C LYS B 158 -22.76 2.57 -21.77
N PHE B 159 -22.36 2.41 -23.03
CA PHE B 159 -22.16 3.56 -23.94
C PHE B 159 -23.32 3.87 -24.87
N LYS B 160 -24.37 3.05 -24.82
CA LYS B 160 -25.57 3.35 -25.61
C LYS B 160 -26.06 4.77 -25.29
N ALA B 161 -26.11 5.08 -23.99
CA ALA B 161 -26.63 6.35 -23.49
C ALA B 161 -25.78 7.57 -23.87
N TYR B 162 -24.56 7.29 -24.36
CA TYR B 162 -23.58 8.32 -24.74
C TYR B 162 -23.10 8.18 -26.19
N ARG B 163 -23.88 7.51 -27.03
CA ARG B 163 -23.45 7.22 -28.40
C ARG B 163 -23.16 8.48 -29.24
N ASP B 164 -23.78 9.57 -28.88
CA ASP B 164 -23.56 10.77 -29.64
C ASP B 164 -22.30 11.48 -29.32
N ASP B 165 -21.70 11.07 -28.20
CA ASP B 165 -20.67 11.81 -27.50
C ASP B 165 -19.28 11.11 -27.49
N VAL B 166 -19.23 9.80 -27.69
CA VAL B 166 -18.00 9.01 -27.45
C VAL B 166 -17.47 8.36 -28.74
N GLU B 167 -16.18 8.05 -28.74
CA GLU B 167 -15.61 7.11 -29.69
C GLU B 167 -14.76 6.14 -28.89
N LEU B 168 -14.79 4.89 -29.27
CA LEU B 168 -14.21 3.84 -28.41
C LEU B 168 -13.02 3.13 -29.02
N LEU B 169 -12.03 2.87 -28.16
CA LEU B 169 -10.97 1.93 -28.50
C LEU B 169 -11.31 0.57 -27.92
N VAL B 170 -11.18 -0.47 -28.77
CA VAL B 170 -11.43 -1.83 -28.33
C VAL B 170 -10.09 -2.45 -27.96
N ARG B 171 -9.94 -2.84 -26.68
CA ARG B 171 -8.67 -3.36 -26.18
C ARG B 171 -8.60 -4.86 -26.37
N LEU B 172 -7.56 -5.31 -27.05
CA LEU B 172 -7.26 -6.72 -27.28
C LEU B 172 -6.19 -7.23 -26.29
N SER B 173 -6.27 -8.50 -25.95
CA SER B 173 -5.15 -9.17 -25.31
C SER B 173 -4.80 -10.43 -26.14
N PHE B 174 -3.57 -10.93 -26.02
CA PHE B 174 -3.09 -11.94 -26.99
C PHE B 174 -2.73 -13.30 -26.39
N SER B 184 -1.09 -9.60 -19.72
CA SER B 184 -2.14 -10.19 -20.55
C SER B 184 -3.45 -10.44 -19.77
N LYS B 185 -3.32 -10.70 -18.47
CA LYS B 185 -4.29 -11.53 -17.77
C LYS B 185 -5.68 -10.92 -17.40
N LYS B 186 -5.75 -9.62 -17.11
CA LYS B 186 -6.98 -9.05 -16.54
C LYS B 186 -7.90 -8.35 -17.56
N PHE B 187 -7.31 -7.85 -18.65
CA PHE B 187 -8.07 -7.01 -19.59
C PHE B 187 -7.75 -7.40 -21.02
N GLY B 188 -8.64 -7.04 -21.92
CA GLY B 188 -8.41 -7.27 -23.34
C GLY B 188 -9.17 -8.47 -23.85
N CYS B 189 -9.83 -8.31 -24.98
CA CYS B 189 -10.59 -9.41 -25.57
C CYS B 189 -9.74 -10.13 -26.63
N SER B 190 -10.23 -11.29 -27.07
CA SER B 190 -9.60 -11.98 -28.17
C SER B 190 -9.85 -11.23 -29.48
N PRO B 191 -8.98 -11.44 -30.50
CA PRO B 191 -9.21 -10.88 -31.83
C PRO B 191 -10.59 -11.24 -32.39
N GLU B 192 -11.03 -12.49 -32.18
CA GLU B 192 -12.37 -12.93 -32.57
C GLU B 192 -13.46 -12.16 -31.81
N GLN B 193 -13.27 -11.95 -30.51
CA GLN B 193 -14.23 -11.17 -29.74
C GLN B 193 -14.22 -9.69 -30.12
N ALA B 194 -13.06 -9.18 -30.50
CA ALA B 194 -12.96 -7.78 -30.95
C ALA B 194 -13.93 -7.53 -32.10
N LEU B 195 -13.99 -8.50 -33.02
CA LEU B 195 -14.88 -8.45 -34.17
C LEU B 195 -16.36 -8.44 -33.75
N VAL B 196 -16.72 -9.25 -32.75
CA VAL B 196 -18.10 -9.26 -32.26
C VAL B 196 -18.44 -7.89 -31.64
N ILE B 197 -17.49 -7.34 -30.89
CA ILE B 197 -17.70 -6.04 -30.25
C ILE B 197 -17.88 -4.94 -31.31
N ILE B 198 -17.02 -4.97 -32.33
CA ILE B 198 -17.03 -3.94 -33.38
C ILE B 198 -18.33 -4.01 -34.21
N GLU B 199 -18.78 -5.23 -34.47
CA GLU B 199 -20.02 -5.45 -35.20
C GLU B 199 -21.25 -5.01 -34.41
N THR B 200 -21.30 -5.29 -33.10
CA THR B 200 -22.51 -4.95 -32.38
C THR B 200 -22.51 -3.44 -32.05
N ALA B 201 -21.31 -2.84 -31.96
CA ALA B 201 -21.20 -1.38 -31.84
C ALA B 201 -21.85 -0.69 -33.06
N LYS B 202 -21.61 -1.24 -34.25
CA LYS B 202 -22.27 -0.73 -35.46
C LYS B 202 -23.79 -0.85 -35.32
N GLU B 203 -24.26 -2.04 -34.93
CA GLU B 203 -25.67 -2.29 -34.67
C GLU B 203 -26.26 -1.26 -33.69
N TRP B 204 -25.51 -0.96 -32.63
CA TRP B 204 -25.93 -0.03 -31.58
C TRP B 204 -25.65 1.44 -31.88
N ASN B 205 -25.14 1.73 -33.07
CA ASN B 205 -24.75 3.07 -33.48
C ASN B 205 -23.72 3.73 -32.56
N ILE B 206 -22.73 2.95 -32.13
CA ILE B 206 -21.64 3.49 -31.31
C ILE B 206 -20.36 3.52 -32.15
N ARG B 207 -19.66 4.66 -32.14
CA ARG B 207 -18.46 4.84 -32.93
C ARG B 207 -17.24 4.13 -32.31
N ILE B 208 -16.53 3.38 -33.17
CA ILE B 208 -15.26 2.78 -32.81
C ILE B 208 -14.07 3.55 -33.42
N LYS B 209 -13.29 4.16 -32.54
CA LYS B 209 -12.06 4.87 -32.90
C LYS B 209 -11.00 3.92 -33.44
N GLY B 210 -10.84 2.76 -32.80
CA GLY B 210 -9.84 1.81 -33.24
C GLY B 210 -9.59 0.75 -32.20
N LEU B 211 -8.38 0.23 -32.20
CA LEU B 211 -7.94 -0.84 -31.31
C LEU B 211 -6.84 -0.38 -30.37
N SER B 212 -6.74 -1.04 -29.22
CA SER B 212 -5.64 -0.76 -28.28
C SER B 212 -5.14 -2.08 -27.68
N PHE B 213 -3.94 -2.04 -27.12
CA PHE B 213 -3.41 -3.17 -26.35
C PHE B 213 -2.38 -2.64 -25.38
N HIS B 214 -2.09 -3.44 -24.36
CA HIS B 214 -1.00 -3.15 -23.45
C HIS B 214 -0.30 -4.46 -23.17
N VAL B 215 0.94 -4.58 -23.65
CA VAL B 215 1.67 -5.85 -23.53
C VAL B 215 2.23 -6.11 -22.12
N GLY B 216 2.21 -5.09 -21.27
CA GLY B 216 2.69 -5.23 -19.87
C GLY B 216 3.80 -4.25 -19.53
N SER B 217 3.91 -3.90 -18.24
CA SER B 217 4.89 -2.89 -17.84
C SER B 217 6.32 -3.49 -17.83
N GLN B 218 7.32 -2.64 -18.12
CA GLN B 218 8.74 -3.04 -18.14
C GLN B 218 8.94 -4.24 -19.06
N THR B 219 8.43 -4.09 -20.28
CA THR B 219 8.65 -5.07 -21.35
C THR B 219 10.02 -4.85 -21.97
N THR B 220 10.91 -5.84 -21.74
CA THR B 220 12.29 -5.68 -22.16
C THR B 220 12.58 -6.18 -23.57
N ASN B 221 11.61 -6.90 -24.15
CA ASN B 221 11.73 -7.45 -25.49
C ASN B 221 10.67 -6.79 -26.37
N PRO B 222 11.11 -5.95 -27.35
CA PRO B 222 10.16 -5.21 -28.17
C PRO B 222 9.37 -6.15 -29.09
N ASN B 223 9.79 -7.41 -29.23
CA ASN B 223 9.05 -8.32 -30.07
C ASN B 223 7.60 -8.64 -29.69
N LYS B 224 7.24 -8.44 -28.42
CA LYS B 224 5.82 -8.55 -28.00
C LYS B 224 4.94 -7.47 -28.66
N TYR B 225 5.48 -6.25 -28.79
CA TYR B 225 4.77 -5.17 -29.51
C TYR B 225 4.57 -5.53 -30.99
N VAL B 226 5.60 -6.06 -31.61
CA VAL B 226 5.56 -6.39 -33.04
C VAL B 226 4.42 -7.40 -33.29
N GLU B 227 4.36 -8.46 -32.48
CA GLU B 227 3.33 -9.50 -32.64
C GLU B 227 1.93 -8.93 -32.41
N ALA B 228 1.81 -8.07 -31.40
CA ALA B 228 0.56 -7.33 -31.11
C ALA B 228 0.11 -6.50 -32.32
N ILE B 229 1.05 -5.73 -32.87
CA ILE B 229 0.77 -4.86 -34.02
C ILE B 229 0.32 -5.67 -35.23
N HIS B 230 1.00 -6.78 -35.51
CA HIS B 230 0.62 -7.61 -36.66
C HIS B 230 -0.82 -8.11 -36.51
N THR B 231 -1.16 -8.58 -35.31
CA THR B 231 -2.51 -9.10 -35.03
C THR B 231 -3.57 -7.99 -35.18
N CYS B 232 -3.28 -6.82 -34.63
CA CYS B 232 -4.19 -5.67 -34.81
C CYS B 232 -4.38 -5.28 -36.29
N ARG B 233 -3.29 -5.29 -37.06
CA ARG B 233 -3.35 -5.03 -38.51
C ARG B 233 -4.30 -5.98 -39.20
N HIS B 234 -4.32 -7.24 -38.77
CA HIS B 234 -5.19 -8.25 -39.36
C HIS B 234 -6.66 -8.08 -38.97
N VAL B 235 -6.90 -7.69 -37.72
CA VAL B 235 -8.24 -7.40 -37.26
C VAL B 235 -8.81 -6.21 -38.04
N MET B 236 -7.97 -5.22 -38.27
CA MET B 236 -8.38 -4.04 -39.05
C MET B 236 -8.80 -4.44 -40.45
N GLU B 237 -8.04 -5.36 -41.04
CA GLU B 237 -8.37 -5.89 -42.36
C GLU B 237 -9.73 -6.60 -42.36
N GLN B 238 -9.96 -7.43 -41.34
CA GLN B 238 -11.22 -8.17 -41.22
C GLN B 238 -12.45 -7.28 -41.06
N VAL B 239 -12.30 -6.17 -40.35
CA VAL B 239 -13.36 -5.17 -40.19
C VAL B 239 -13.81 -4.62 -41.57
N VAL B 240 -12.83 -4.18 -42.35
CA VAL B 240 -13.08 -3.66 -43.70
C VAL B 240 -13.72 -4.72 -44.59
N GLU B 241 -13.27 -5.97 -44.45
CA GLU B 241 -13.76 -7.09 -45.24
C GLU B 241 -15.17 -7.54 -44.82
N ARG B 242 -15.58 -7.19 -43.61
CA ARG B 242 -16.94 -7.46 -43.13
C ARG B 242 -17.94 -6.36 -43.52
N GLY B 243 -17.46 -5.32 -44.22
CA GLY B 243 -18.28 -4.16 -44.57
C GLY B 243 -18.56 -3.18 -43.44
N LEU B 244 -17.75 -3.21 -42.39
CA LEU B 244 -17.92 -2.30 -41.25
C LEU B 244 -17.04 -1.05 -41.42
N PRO B 245 -17.35 0.03 -40.66
CA PRO B 245 -16.50 1.22 -40.77
C PRO B 245 -15.05 0.93 -40.43
N ALA B 246 -14.14 1.49 -41.24
CA ALA B 246 -12.72 1.24 -41.09
C ALA B 246 -12.20 1.88 -39.80
N LEU B 247 -11.22 1.23 -39.18
CA LEU B 247 -10.69 1.71 -37.92
C LEU B 247 -9.57 2.70 -38.17
N SER B 248 -9.67 3.86 -37.52
CA SER B 248 -8.79 4.99 -37.73
C SER B 248 -7.51 4.98 -36.90
N THR B 249 -7.49 4.22 -35.80
CA THR B 249 -6.49 4.42 -34.75
C THR B 249 -5.97 3.11 -34.19
N LEU B 250 -4.66 3.04 -33.95
CA LEU B 250 -4.06 1.95 -33.19
C LEU B 250 -3.34 2.55 -31.99
N ASP B 251 -3.64 2.05 -30.79
CA ASP B 251 -3.03 2.50 -29.56
C ASP B 251 -2.13 1.35 -29.06
N ILE B 252 -0.81 1.53 -29.05
CA ILE B 252 0.11 0.42 -28.71
C ILE B 252 0.43 0.34 -27.20
N GLY B 253 -0.26 1.16 -26.41
CA GLY B 253 -0.15 1.09 -24.95
C GLY B 253 1.17 1.59 -24.42
N GLY B 254 1.52 1.14 -23.21
CA GLY B 254 2.76 1.55 -22.52
C GLY B 254 3.74 0.38 -22.48
N GLY B 255 4.59 0.39 -21.46
CA GLY B 255 5.46 -0.76 -21.19
C GLY B 255 6.92 -0.60 -21.56
N PHE B 256 7.26 0.52 -22.20
CA PHE B 256 8.65 0.77 -22.62
C PHE B 256 9.50 0.75 -21.35
N PRO B 257 10.64 0.04 -21.40
CA PRO B 257 11.41 -0.24 -20.18
C PRO B 257 12.49 0.81 -19.86
N VAL B 258 12.95 0.81 -18.61
CA VAL B 258 14.03 1.69 -18.17
C VAL B 258 15.08 0.87 -17.42
N ASN B 259 16.26 1.47 -17.22
CA ASN B 259 17.35 0.81 -16.52
C ASN B 259 17.06 0.85 -15.00
N TYR B 260 17.02 -0.32 -14.36
CA TYR B 260 16.99 -0.41 -12.91
C TYR B 260 18.39 -0.86 -12.52
N THR B 261 18.55 -2.06 -11.97
CA THR B 261 19.89 -2.54 -11.57
C THR B 261 20.65 -3.19 -12.74
N GLN B 262 19.94 -3.47 -13.83
CA GLN B 262 20.54 -3.99 -15.05
C GLN B 262 20.10 -3.09 -16.20
N GLN B 263 20.96 -2.95 -17.20
CA GLN B 263 20.65 -2.06 -18.32
C GLN B 263 19.71 -2.72 -19.31
N VAL B 264 18.82 -1.91 -19.87
CA VAL B 264 17.90 -2.38 -20.90
C VAL B 264 18.29 -1.73 -22.23
N MET B 265 17.77 -2.28 -23.31
CA MET B 265 18.10 -1.81 -24.63
C MET B 265 17.78 -0.32 -24.80
N PRO B 266 18.72 0.46 -25.40
CA PRO B 266 18.43 1.87 -25.67
C PRO B 266 17.12 2.01 -26.45
N ILE B 267 16.38 3.08 -26.18
CA ILE B 267 15.05 3.27 -26.72
C ILE B 267 14.98 3.27 -28.25
N ASP B 268 15.99 3.85 -28.91
CA ASP B 268 16.03 3.88 -30.38
C ASP B 268 16.01 2.46 -30.93
N GLN B 269 16.87 1.61 -30.37
CA GLN B 269 16.99 0.23 -30.81
C GLN B 269 15.75 -0.58 -30.43
N PHE B 270 15.24 -0.35 -29.22
CA PHE B 270 14.03 -1.00 -28.73
C PHE B 270 12.86 -0.77 -29.71
N CYS B 271 12.68 0.47 -30.11
CA CYS B 271 11.56 0.83 -30.97
C CYS B 271 11.78 0.58 -32.45
N ALA B 272 13.01 0.31 -32.86
CA ALA B 272 13.25 0.10 -34.31
C ALA B 272 12.32 -0.98 -34.91
N PRO B 273 12.23 -2.18 -34.30
CA PRO B 273 11.32 -3.22 -34.83
C PRO B 273 9.85 -2.84 -34.74
N ILE B 274 9.52 -2.04 -33.73
CA ILE B 274 8.15 -1.53 -33.56
C ILE B 274 7.78 -0.59 -34.72
N ASN B 275 8.68 0.33 -35.06
CA ASN B 275 8.43 1.23 -36.19
C ASN B 275 8.26 0.45 -37.47
N GLU B 276 9.11 -0.56 -37.65
CA GLU B 276 9.00 -1.43 -38.82
C GLU B 276 7.61 -2.08 -38.89
N ALA B 277 7.10 -2.58 -37.76
CA ALA B 277 5.78 -3.24 -37.72
C ALA B 277 4.64 -2.25 -37.97
N LEU B 278 4.78 -1.05 -37.43
CA LEU B 278 3.78 0.00 -37.65
C LEU B 278 3.76 0.45 -39.11
N SER B 279 4.90 0.34 -39.80
CA SER B 279 5.03 0.80 -41.20
C SER B 279 4.18 -0.05 -42.16
N LEU B 280 3.78 -1.24 -41.71
CA LEU B 280 2.95 -2.12 -42.54
C LEU B 280 1.45 -1.77 -42.46
N LEU B 281 1.10 -0.90 -41.51
CA LEU B 281 -0.26 -0.39 -41.41
C LEU B 281 -0.60 0.52 -42.59
N PRO B 282 -1.90 0.61 -42.92
CA PRO B 282 -2.34 1.61 -43.87
C PRO B 282 -1.87 3.01 -43.45
N GLU B 283 -1.54 3.85 -44.43
CA GLU B 283 -1.01 5.19 -44.17
C GLU B 283 -2.04 6.09 -43.45
N THR B 284 -3.32 5.70 -43.54
CA THR B 284 -4.45 6.40 -42.91
C THR B 284 -4.60 6.13 -41.39
N VAL B 285 -3.97 5.07 -40.91
CA VAL B 285 -4.04 4.75 -39.48
C VAL B 285 -3.13 5.68 -38.67
N HIS B 286 -3.71 6.27 -37.61
CA HIS B 286 -2.97 7.12 -36.69
C HIS B 286 -2.59 6.28 -35.49
N VAL B 287 -1.35 6.42 -35.01
CA VAL B 287 -0.81 5.54 -33.97
C VAL B 287 -0.63 6.37 -32.69
N LEU B 288 -1.09 5.79 -31.58
CA LEU B 288 -0.95 6.41 -30.26
C LEU B 288 -0.15 5.46 -29.37
N ALA B 289 0.47 5.98 -28.32
CA ALA B 289 1.06 5.14 -27.26
C ALA B 289 0.71 5.73 -25.89
N GLU B 290 0.91 4.95 -24.83
CA GLU B 290 0.52 5.32 -23.45
C GLU B 290 1.71 5.12 -22.48
N PRO B 291 2.87 5.73 -22.79
CA PRO B 291 4.04 5.57 -21.93
C PRO B 291 3.81 6.16 -20.55
N GLY B 292 4.23 5.42 -19.51
CA GLY B 292 4.19 5.93 -18.14
C GLY B 292 5.61 5.90 -17.62
N ARG B 293 6.02 4.69 -17.22
CA ARG B 293 7.29 4.47 -16.57
C ARG B 293 8.48 5.09 -17.32
N PHE B 294 8.48 4.96 -18.65
CA PHE B 294 9.63 5.45 -19.43
C PHE B 294 9.88 6.95 -19.19
N ILE B 295 8.79 7.72 -19.06
CA ILE B 295 8.92 9.16 -18.91
C ILE B 295 9.30 9.55 -17.49
N CYS B 296 8.64 8.94 -16.51
CA CYS B 296 8.80 9.39 -15.12
C CYS B 296 9.85 8.64 -14.29
N ALA B 297 10.05 7.34 -14.55
CA ALA B 297 10.92 6.55 -13.64
C ALA B 297 12.34 7.14 -13.40
N PRO B 298 13.06 7.50 -14.48
CA PRO B 298 14.43 8.01 -14.28
C PRO B 298 14.51 9.42 -13.70
N ALA B 299 13.36 10.12 -13.62
CA ALA B 299 13.37 11.54 -13.24
C ALA B 299 13.40 11.77 -11.72
N VAL B 300 13.29 10.71 -10.93
CA VAL B 300 13.19 10.87 -9.48
C VAL B 300 14.31 10.09 -8.78
N THR B 301 14.94 10.76 -7.82
CA THR B 301 15.91 10.16 -6.93
C THR B 301 15.34 10.22 -5.52
N SER B 302 15.36 9.09 -4.81
CA SER B 302 14.85 9.04 -3.43
C SER B 302 16.02 9.28 -2.46
N VAL B 303 15.69 9.92 -1.34
CA VAL B 303 16.66 10.21 -0.32
C VAL B 303 16.00 9.85 1.02
N ALA B 304 16.65 8.94 1.75
CA ALA B 304 16.19 8.56 3.11
C ALA B 304 17.35 8.76 4.01
N SER B 305 17.06 8.88 5.31
CA SER B 305 18.14 9.03 6.29
C SER B 305 18.02 7.91 7.30
N VAL B 306 19.13 7.60 7.94
CA VAL B 306 19.23 6.54 8.93
C VAL B 306 18.72 7.07 10.30
N MET B 307 17.62 6.49 10.78
CA MET B 307 17.06 6.84 12.11
C MET B 307 17.81 6.19 13.27
N GLY B 308 18.31 4.98 13.03
CA GLY B 308 19.04 4.24 14.06
C GLY B 308 19.60 2.97 13.45
N GLN B 309 20.19 2.15 14.30
CA GLN B 309 20.95 1.02 13.78
C GLN B 309 21.31 0.02 14.88
N ALA B 310 21.48 -1.23 14.48
CA ALA B 310 21.86 -2.31 15.39
C ALA B 310 22.50 -3.47 14.63
N GLU B 311 23.49 -4.14 15.25
CA GLU B 311 24.00 -5.41 14.73
C GLU B 311 23.02 -6.52 15.10
N ARG B 312 22.59 -7.27 14.10
CA ARG B 312 21.75 -8.45 14.29
C ARG B 312 22.38 -9.56 13.48
N GLU B 313 22.78 -10.61 14.19
CA GLU B 313 23.50 -11.74 13.59
C GLU B 313 24.39 -11.46 12.35
N GLY B 314 25.45 -10.70 12.58
CA GLY B 314 26.51 -10.51 11.58
C GLY B 314 26.23 -9.49 10.50
N GLN B 315 25.12 -8.77 10.65
CA GLN B 315 24.79 -7.72 9.73
C GLN B 315 24.40 -6.49 10.54
N ILE B 316 24.82 -5.33 10.05
CA ILE B 316 24.35 -4.06 10.60
C ILE B 316 23.02 -3.74 9.93
N TRP B 317 21.98 -3.64 10.75
CA TRP B 317 20.67 -3.17 10.30
C TRP B 317 20.61 -1.66 10.43
N TYR B 318 20.29 -1.00 9.33
CA TYR B 318 19.94 0.43 9.36
C TYR B 318 18.44 0.62 9.19
N TYR B 319 17.87 1.49 10.03
CA TYR B 319 16.41 1.69 10.04
C TYR B 319 16.19 3.06 9.43
N LEU B 320 15.69 3.08 8.20
CA LEU B 320 15.51 4.33 7.46
C LEU B 320 14.16 4.99 7.72
N ASP B 321 14.04 6.25 7.32
CA ASP B 321 12.77 6.96 7.41
C ASP B 321 11.87 6.83 6.18
N ASP B 322 12.19 5.86 5.32
CA ASP B 322 11.36 5.52 4.17
C ASP B 322 11.49 4.03 3.93
N GLY B 323 10.45 3.42 3.35
CA GLY B 323 10.47 1.97 3.22
C GLY B 323 9.32 1.43 2.39
N ILE B 324 8.98 0.17 2.66
CA ILE B 324 8.06 -0.57 1.79
C ILE B 324 6.62 -0.07 1.91
N TYR B 325 6.33 0.66 2.99
CA TYR B 325 5.01 1.26 3.12
C TYR B 325 4.97 2.69 2.54
N GLY B 326 6.13 3.13 2.03
CA GLY B 326 6.29 4.50 1.50
C GLY B 326 6.80 4.43 0.06
N SER B 327 7.95 5.08 -0.19
CA SER B 327 8.46 5.18 -1.58
C SER B 327 8.90 3.84 -2.12
N PHE B 328 9.26 2.91 -1.23
CA PHE B 328 9.68 1.58 -1.68
C PHE B 328 8.55 0.57 -1.80
N SER B 329 7.31 1.07 -1.74
CA SER B 329 6.12 0.23 -1.91
C SER B 329 6.14 -0.59 -3.24
N GLY B 330 6.86 -0.09 -4.24
CA GLY B 330 7.08 -0.80 -5.51
C GLY B 330 7.81 -2.14 -5.33
N LEU B 331 8.60 -2.29 -4.26
CA LEU B 331 9.20 -3.60 -3.94
C LEU B 331 8.10 -4.65 -3.79
N MET B 332 6.96 -4.23 -3.27
CA MET B 332 5.82 -5.11 -3.07
C MET B 332 4.90 -5.18 -4.30
N PHE B 333 4.44 -4.02 -4.76
CA PHE B 333 3.39 -3.99 -5.80
C PHE B 333 3.92 -4.11 -7.21
N ASP B 334 5.19 -3.74 -7.40
CA ASP B 334 5.79 -3.60 -8.77
C ASP B 334 6.93 -4.60 -8.97
N ASP B 335 7.08 -5.53 -8.02
CA ASP B 335 8.15 -6.56 -8.09
C ASP B 335 9.49 -5.89 -8.39
N ALA B 336 9.73 -4.73 -7.77
CA ALA B 336 10.83 -3.85 -8.18
C ALA B 336 12.15 -4.13 -7.47
N ARG B 337 13.23 -3.64 -8.06
CA ARG B 337 14.53 -3.59 -7.39
C ARG B 337 15.24 -2.36 -7.92
N TYR B 338 15.60 -1.45 -7.02
CA TYR B 338 16.18 -0.17 -7.40
C TYR B 338 17.65 -0.13 -7.04
N PRO B 339 18.48 0.55 -7.87
CA PRO B 339 19.85 0.80 -7.44
C PRO B 339 19.87 1.65 -6.17
N LEU B 340 20.69 1.27 -5.21
CA LEU B 340 20.79 1.99 -3.94
C LEU B 340 22.25 2.37 -3.72
N THR B 341 22.47 3.57 -3.21
CA THR B 341 23.82 4.06 -2.96
C THR B 341 23.84 4.93 -1.71
N THR B 342 25.04 5.36 -1.35
CA THR B 342 25.26 6.25 -0.22
C THR B 342 26.14 7.40 -0.71
N ILE B 343 26.19 8.47 0.08
CA ILE B 343 27.01 9.63 -0.28
C ILE B 343 28.49 9.27 -0.31
N LYS B 344 28.95 8.69 0.80
CA LYS B 344 30.35 8.29 1.04
C LYS B 344 31.21 7.99 -0.20
N GLY B 347 34.65 0.73 -0.18
CA GLY B 347 35.52 1.34 0.82
C GLY B 347 35.18 0.91 2.24
N GLU B 348 35.56 -0.32 2.57
CA GLU B 348 35.18 -1.03 3.80
C GLU B 348 33.69 -1.36 3.79
N LEU B 349 33.27 -2.02 2.71
CA LEU B 349 31.87 -2.40 2.57
C LEU B 349 31.59 -3.51 3.57
N ILE B 350 30.53 -3.33 4.37
CA ILE B 350 30.20 -4.31 5.39
C ILE B 350 28.77 -4.86 5.19
N PRO B 351 28.56 -6.15 5.53
CA PRO B 351 27.23 -6.76 5.31
C PRO B 351 26.15 -6.05 6.12
N SER B 352 25.13 -5.55 5.43
CA SER B 352 24.14 -4.70 6.05
C SER B 352 22.72 -5.07 5.59
N VAL B 353 21.72 -4.60 6.34
CA VAL B 353 20.31 -4.69 5.94
C VAL B 353 19.74 -3.26 5.99
N LEU B 354 18.97 -2.92 4.98
CA LEU B 354 18.26 -1.65 5.00
C LEU B 354 16.80 -1.94 5.32
N SER B 355 16.35 -1.48 6.48
CA SER B 355 14.96 -1.60 6.96
C SER B 355 14.20 -0.29 6.75
N GLY B 356 12.90 -0.37 6.50
CA GLY B 356 12.03 0.83 6.56
C GLY B 356 11.68 1.25 8.00
N PRO B 357 10.93 2.34 8.13
CA PRO B 357 10.60 2.93 9.43
C PRO B 357 9.52 2.19 10.22
N THR B 358 8.68 1.39 9.56
CA THR B 358 7.50 0.85 10.29
C THR B 358 7.88 -0.28 11.24
N CYS B 359 6.99 -0.58 12.19
CA CYS B 359 7.29 -1.67 13.13
C CYS B 359 7.31 -3.11 12.54
N ASP B 360 6.95 -3.23 11.28
CA ASP B 360 6.64 -4.49 10.65
C ASP B 360 7.92 -5.15 10.15
N SER B 361 8.11 -6.43 10.45
CA SER B 361 9.28 -7.14 9.92
C SER B 361 9.27 -7.28 8.37
N VAL B 362 8.11 -7.11 7.74
CA VAL B 362 8.06 -7.14 6.27
C VAL B 362 8.73 -5.90 5.63
N ASP B 363 8.89 -4.85 6.44
CA ASP B 363 9.35 -3.57 5.94
C ASP B 363 10.89 -3.55 5.93
N VAL B 364 11.40 -4.25 4.92
CA VAL B 364 12.85 -4.34 4.68
C VAL B 364 13.04 -4.03 3.19
N ILE B 365 14.03 -3.15 2.91
CA ILE B 365 14.25 -2.67 1.54
C ILE B 365 15.33 -3.53 0.86
N ALA B 366 16.35 -3.90 1.63
CA ALA B 366 17.43 -4.74 1.11
C ALA B 366 17.91 -5.66 2.23
N GLU B 367 17.79 -6.97 2.01
CA GLU B 367 18.10 -8.00 3.00
C GLU B 367 19.59 -8.27 3.14
N ASN B 368 20.32 -8.01 2.06
CA ASN B 368 21.74 -8.25 2.04
C ASN B 368 22.32 -7.21 1.11
N ILE B 369 23.02 -6.24 1.68
CA ILE B 369 23.66 -5.21 0.87
C ILE B 369 24.95 -4.77 1.54
N LEU B 370 26.00 -4.69 0.73
CA LEU B 370 27.31 -4.23 1.20
C LEU B 370 27.41 -2.71 1.19
N LEU B 371 27.58 -2.13 2.39
CA LEU B 371 27.60 -0.69 2.56
C LEU B 371 28.76 -0.26 3.43
N PRO B 372 29.24 0.98 3.25
CA PRO B 372 30.19 1.52 4.23
C PRO B 372 29.46 1.72 5.57
N LYS B 373 30.22 1.84 6.66
CA LYS B 373 29.60 2.13 7.95
C LYS B 373 28.92 3.51 7.90
N LEU B 374 27.64 3.54 8.27
CA LEU B 374 26.89 4.78 8.30
C LEU B 374 26.60 5.19 9.73
N ASN B 375 26.50 6.49 9.93
CA ASN B 375 26.06 7.05 11.19
C ASN B 375 24.60 7.42 11.10
N ASN B 376 23.94 7.51 12.26
CA ASN B 376 22.57 8.02 12.24
C ASN B 376 22.60 9.37 11.54
N GLY B 377 21.58 9.61 10.71
CA GLY B 377 21.44 10.84 9.94
C GLY B 377 22.01 10.76 8.53
N ASP B 378 22.89 9.79 8.30
CA ASP B 378 23.49 9.57 6.97
C ASP B 378 22.43 9.15 5.95
N LEU B 379 22.73 9.36 4.67
CA LEU B 379 21.69 9.21 3.63
C LEU B 379 21.84 7.94 2.82
N VAL B 380 20.69 7.41 2.43
CA VAL B 380 20.59 6.27 1.52
C VAL B 380 19.77 6.76 0.32
N ILE B 381 20.36 6.61 -0.86
CA ILE B 381 19.82 7.22 -2.08
C ILE B 381 19.37 6.11 -3.05
N GLY B 382 18.16 6.26 -3.59
CA GLY B 382 17.65 5.28 -4.56
C GLY B 382 17.50 5.94 -5.93
N ARG B 383 17.87 5.22 -6.99
CA ARG B 383 17.74 5.76 -8.35
C ARG B 383 16.58 5.10 -9.10
N THR B 384 16.13 5.74 -10.18
CA THR B 384 15.01 5.26 -10.98
C THR B 384 13.76 5.08 -10.07
N MET B 385 13.54 6.07 -9.19
CA MET B 385 12.50 6.03 -8.16
C MET B 385 11.22 6.79 -8.54
N GLY B 386 11.03 7.04 -9.85
CA GLY B 386 9.92 7.87 -10.31
C GLY B 386 8.57 7.18 -10.42
N ALA B 387 8.57 5.91 -10.84
CA ALA B 387 7.34 5.28 -11.31
C ALA B 387 6.90 4.17 -10.34
N TYR B 388 5.64 4.19 -9.92
CA TYR B 388 5.03 3.11 -9.07
C TYR B 388 5.83 2.98 -7.78
N THR B 389 6.11 4.15 -7.25
CA THR B 389 6.83 4.33 -6.03
C THR B 389 5.97 5.14 -5.02
N SER B 390 6.15 6.47 -4.98
CA SER B 390 5.26 7.32 -4.18
C SER B 390 3.77 7.10 -4.57
N ALA B 391 3.51 6.80 -5.85
CA ALA B 391 2.14 6.58 -6.31
C ALA B 391 1.41 5.49 -5.50
N THR B 392 2.17 4.51 -4.98
CA THR B 392 1.60 3.39 -4.26
C THR B 392 1.98 3.42 -2.75
N ALA B 393 2.42 4.57 -2.26
CA ALA B 393 2.70 4.77 -0.83
C ALA B 393 1.41 4.65 0.01
N THR B 394 1.61 4.30 1.29
CA THR B 394 0.53 4.21 2.27
C THR B 394 0.76 5.25 3.38
N ASP B 395 -0.14 5.25 4.36
CA ASP B 395 0.05 6.02 5.59
C ASP B 395 0.18 5.10 6.80
N PHE B 396 0.70 3.88 6.57
CA PHE B 396 0.81 2.89 7.67
C PHE B 396 1.64 3.46 8.83
N ASN B 397 1.17 3.23 10.08
CA ASN B 397 1.84 3.75 11.31
C ASN B 397 1.81 5.30 11.38
N PHE B 398 1.17 5.96 10.40
CA PHE B 398 1.18 7.42 10.26
C PHE B 398 2.59 8.03 10.01
N PHE B 399 3.51 7.21 9.49
CA PHE B 399 4.77 7.80 9.02
C PHE B 399 4.48 8.73 7.86
N LYS B 400 5.09 9.92 7.90
CA LYS B 400 4.93 10.91 6.83
C LYS B 400 5.46 10.41 5.51
N ARG B 401 4.75 10.73 4.43
CA ARG B 401 5.26 10.35 3.12
C ARG B 401 6.44 11.24 2.75
N ALA B 402 7.39 10.70 1.97
CA ALA B 402 8.52 11.53 1.51
C ALA B 402 7.98 12.74 0.75
N GLN B 403 8.56 13.90 0.99
CA GLN B 403 8.18 15.11 0.29
C GLN B 403 8.82 15.13 -1.10
N THR B 404 8.03 15.47 -2.11
CA THR B 404 8.54 15.57 -3.48
C THR B 404 9.00 17.03 -3.75
N ILE B 405 10.28 17.17 -4.11
CA ILE B 405 10.93 18.44 -4.43
C ILE B 405 11.14 18.56 -5.95
N ALA B 406 10.47 19.53 -6.58
CA ALA B 406 10.57 19.69 -8.02
C ALA B 406 11.81 20.54 -8.36
N LEU B 407 12.67 19.99 -9.22
CA LEU B 407 13.88 20.67 -9.65
C LEU B 407 13.80 20.97 -11.14
N ASN B 408 14.40 22.09 -11.53
CA ASN B 408 14.47 22.49 -12.93
C ASN B 408 13.09 22.62 -13.58
N GLU B 409 12.13 23.09 -12.80
CA GLU B 409 10.78 23.25 -13.30
C GLU B 409 10.75 24.21 -14.50
N PHE B 410 11.49 25.32 -14.40
CA PHE B 410 11.48 26.38 -15.42
C PHE B 410 12.84 26.56 -16.06
MG MG C . 3.63 6.03 33.79
OAE P3T D . -1.65 -7.86 18.26
PAU P3T D . -0.96 -7.66 16.84
OAF P3T D . -1.84 -6.68 15.93
OAC P3T D . -0.61 -8.94 16.10
OAP P3T D . 0.43 -6.85 16.99
CAM P3T D . 0.38 -5.47 17.57
CAS P3T D . 1.84 -5.08 17.81
CAH P3T D . 2.18 -4.95 19.17
NAO P3T D . 3.42 -4.64 19.52
CAQ P3T D . 4.39 -4.46 18.63
CAA P3T D . 5.82 -4.12 19.11
CAR P3T D . 4.13 -4.60 17.25
OAD P3T D . 5.13 -4.40 16.37
CAT P3T D . 2.82 -4.93 16.82
CAG P3T D . 2.54 -5.02 15.42
NAN P3T D . 3.52 -5.27 14.57
CAL P3T D . 3.40 -5.36 13.07
CAK P3T D . 2.22 -6.24 12.61
CAJ P3T D . 2.20 -6.12 11.05
CAI P3T D . 1.05 -6.96 10.46
NAB P3T D . 1.14 -7.05 8.99
OAE P3T E . 4.50 2.63 -19.57
PAU P3T E . 4.04 1.80 -18.29
OAF P3T E . 4.20 2.76 -17.02
OAC P3T E . 4.71 0.42 -18.15
OAP P3T E . 2.53 1.45 -18.38
CAM P3T E . 1.55 2.60 -18.37
CAS P3T E . 0.16 2.02 -18.70
CAH P3T E . -0.38 2.42 -19.94
NAO P3T E . -1.55 1.97 -20.32
CAQ P3T E . -2.32 1.13 -19.60
CAA P3T E . -3.69 0.62 -20.12
CAR P3T E . -1.83 0.69 -18.35
OAD P3T E . -2.57 -0.14 -17.61
CAT P3T E . -0.57 1.14 -17.88
CAG P3T E . -0.11 0.72 -16.60
NAN P3T E . -0.55 -0.43 -16.07
CAL P3T E . -0.21 -1.01 -14.72
CAK P3T E . 1.26 -0.86 -14.34
CAJ P3T E . 1.46 -1.39 -12.89
CAI P3T E . 2.95 -1.39 -12.49
NAB P3T E . 3.14 -2.02 -11.16
#